data_7P32
#
_entry.id   7P32
#
_cell.length_a   97.043
_cell.length_b   102.606
_cell.length_c   129.118
_cell.angle_alpha   90.000
_cell.angle_beta   90.000
_cell.angle_gamma   90.000
#
_symmetry.space_group_name_H-M   'P 21 21 21'
#
loop_
_entity.id
_entity.type
_entity.pdbx_description
1 polymer 'Lysosomal alpha-glucosidase'
2 branched 2-acetamido-2-deoxy-beta-D-glucopyranose-(1-4)-[alpha-L-fucopyranose-(1-6)]2-acetamido-2-deoxy-beta-D-glucopyranose
3 branched 2-acetamido-2-deoxy-beta-D-glucopyranose-(1-4)-2-acetamido-2-deoxy-beta-D-glucopyranose
4 branched beta-D-mannopyranose-(1-4)-2-acetamido-2-deoxy-beta-D-glucopyranose-(1-4)-2-acetamido-2-deoxy-beta-D-glucopyranose
5 branched alpha-L-fucopyranose-(1-6)-2-acetamido-2-deoxy-beta-D-glucopyranose
6 non-polymer 2-acetamido-2-deoxy-beta-D-glucopyranose
7 non-polymer '[(1R,2R,3R,4R,5S)-2-(hydroxymethyl)-3,4,5-tris(oxidanyl)cyclohexyl]sulfamic acid'
8 non-polymer 'SULFATE ION'
9 non-polymer 'CHLORIDE ION'
10 non-polymer GLYCEROL
11 non-polymer 1,2-ETHANEDIOL
12 non-polymer 'TRIETHYLENE GLYCOL'
13 water water
#
_entity_poly.entity_id   1
_entity_poly.type   'polypeptide(L)'
_entity_poly.pdbx_seq_one_letter_code
;QCDVPPNSRFDCAPDKAITQEQCEARGCCYIPAKQGLQGAQMGQPWCFFPPSYPSYKLENLSSSEMGYTATLTRTTPTFF
PKDILTLRLDVMMETENRLHFTIKDPANRRYEVPLETPRVHSRAPSPLYSVEFSEEPFGVIVHRQLDGRVLLNTTVAPLF
FADQFLQLSTSLPSQYITGLAEHLSPLMLSTSWTRITLWNRDLAPTPGANLYGSHPFYLALEDGGSAHGVFLLNSNAMDV
VLQPSPALSWRSTGGILDVYIFLGPEPKSVVQQYLDVVGYPFMPPYWGLGFHLCRWGYSSTAITRQVVENMTRAHFPLDV
QWNDLDYMDSRRDFTFNKDGFRDFPAMVQELHQGGRRYMMIVDPAISSSGPAGSYRPYDEGLRRGVFITNETGQPLIGKV
WPGSTAFPDFTNPTALAWWEDMVAEFHDQVPFDGMWIDMNEPSNFIRGSEDGCPNNELENPPYVPGVVGGTLQAATICAS
SHQFLSTHYNLHNLYGLTEAIASHRALVKARGTRPFVISRSTFAGHGRYAGHWTGDVWSSWEQLASSVPEILQFNLLGVP
LVGADVCGFLGNTSEELCVRWTQLGAFYPFMRNHNSLLSLPQEPYSFSEPAQQAMRKALTLRYALLPHLYTLFHQAHVAG
ETVARPLFLEFPKDSSTWTVDHQLLWGEALLITPVLQAGKAEVTGYFPLGTWYDLQTVPIEALGSLPPPPAAPREPAIHS
EGQWVTLPAPLDTINVHLRAGYIIPLQGPGLTTTESRQQPMALAVALTKGGEARGELFWDDGESLEVLERGAYTQVIFLA
RNNTIVNELVRVTSEGAGLQLQKVTVLGVATAPQQVLSNGVPVSNFTYSPDTKVLDI(CSO)VSLLMGEQFLVSWC
;
_entity_poly.pdbx_strand_id   AAA
#
loop_
_chem_comp.id
_chem_comp.type
_chem_comp.name
_chem_comp.formula
56I non-polymer '[(1R,2R,3R,4R,5S)-2-(hydroxymethyl)-3,4,5-tris(oxidanyl)cyclohexyl]sulfamic acid' 'C7 H15 N O7 S'
BMA D-saccharide, beta linking beta-D-mannopyranose 'C6 H12 O6'
CL non-polymer 'CHLORIDE ION' 'Cl -1'
EDO non-polymer 1,2-ETHANEDIOL 'C2 H6 O2'
FUC L-saccharide, alpha linking alpha-L-fucopyranose 'C6 H12 O5'
GOL non-polymer GLYCEROL 'C3 H8 O3'
NAG D-saccharide, beta linking 2-acetamido-2-deoxy-beta-D-glucopyranose 'C8 H15 N O6'
PGE non-polymer 'TRIETHYLENE GLYCOL' 'C6 H14 O4'
SO4 non-polymer 'SULFATE ION' 'O4 S -2'
#
# COMPACT_ATOMS: atom_id res chain seq x y z
N GLN A 1 42.01 -15.05 -9.60
CA GLN A 1 41.09 -13.88 -9.81
C GLN A 1 39.69 -14.37 -10.21
N CYS A 2 39.52 -15.56 -10.79
CA CYS A 2 38.19 -16.06 -11.22
C CYS A 2 37.61 -17.05 -10.21
N ASP A 3 38.30 -17.24 -9.08
CA ASP A 3 37.85 -18.16 -8.01
C ASP A 3 36.83 -17.42 -7.13
N VAL A 4 35.61 -17.25 -7.65
CA VAL A 4 34.51 -16.54 -6.93
C VAL A 4 33.43 -17.59 -6.67
N PRO A 5 33.00 -17.77 -5.40
CA PRO A 5 31.95 -18.73 -5.08
C PRO A 5 30.71 -18.47 -5.94
N PRO A 6 30.04 -19.55 -6.43
CA PRO A 6 28.95 -19.38 -7.38
C PRO A 6 27.90 -18.33 -6.97
N ASN A 7 27.48 -18.35 -5.71
CA ASN A 7 26.36 -17.50 -5.22
C ASN A 7 26.76 -16.02 -5.15
N SER A 8 28.06 -15.73 -5.22
CA SER A 8 28.67 -14.39 -5.07
C SER A 8 29.11 -13.83 -6.42
N ARG A 9 28.75 -14.50 -7.52
CA ARG A 9 29.11 -14.03 -8.88
C ARG A 9 28.11 -12.96 -9.31
N PHE A 10 28.62 -11.81 -9.73
CA PHE A 10 27.78 -10.70 -10.22
C PHE A 10 27.91 -10.67 -11.75
N ASP A 11 26.76 -10.58 -12.41
CA ASP A 11 26.62 -10.71 -13.88
C ASP A 11 27.38 -9.60 -14.61
N CYS A 12 28.35 -9.99 -15.43
CA CYS A 12 29.16 -9.10 -16.30
C CYS A 12 28.55 -9.04 -17.71
N ALA A 13 27.46 -9.76 -17.97
CA ALA A 13 26.73 -9.66 -19.25
C ALA A 13 25.23 -9.52 -19.00
N PRO A 14 24.79 -8.50 -18.23
CA PRO A 14 23.37 -8.32 -17.96
C PRO A 14 22.61 -7.81 -19.19
N ASP A 15 23.36 -7.33 -20.19
CA ASP A 15 22.83 -6.60 -21.36
C ASP A 15 22.53 -7.53 -22.55
N LYS A 16 23.24 -8.65 -22.71
CA LYS A 16 23.12 -9.50 -23.92
C LYS A 16 23.65 -10.91 -23.66
N ALA A 17 23.23 -11.86 -24.50
CA ALA A 17 23.86 -13.19 -24.62
C ALA A 17 25.31 -12.95 -25.03
N ILE A 18 26.25 -13.58 -24.34
CA ILE A 18 27.72 -13.35 -24.52
C ILE A 18 28.41 -14.71 -24.70
N THR A 19 29.49 -14.75 -25.49
CA THR A 19 30.38 -15.94 -25.64
C THR A 19 31.51 -15.84 -24.62
N GLN A 20 32.18 -16.96 -24.36
CA GLN A 20 33.40 -16.98 -23.53
C GLN A 20 34.38 -15.90 -24.04
N GLU A 21 34.58 -15.78 -25.35
CA GLU A 21 35.65 -14.90 -25.89
C GLU A 21 35.27 -13.44 -25.61
N GLN A 22 34.02 -13.07 -25.86
CA GLN A 22 33.49 -11.69 -25.60
C GLN A 22 33.56 -11.37 -24.10
N CYS A 23 33.17 -12.33 -23.27
CA CYS A 23 33.19 -12.23 -21.79
C CYS A 23 34.61 -11.94 -21.33
N GLU A 24 35.60 -12.71 -21.80
CA GLU A 24 37.03 -12.54 -21.44
C GLU A 24 37.56 -11.21 -22.02
N ALA A 25 37.06 -10.79 -23.19
CA ALA A 25 37.42 -9.50 -23.83
C ALA A 25 36.91 -8.30 -23.01
N ARG A 26 35.86 -8.49 -22.19
CA ARG A 26 35.32 -7.42 -21.30
C ARG A 26 36.15 -7.31 -20.02
N GLY A 27 37.11 -8.23 -19.82
CA GLY A 27 37.86 -8.38 -18.56
C GLY A 27 37.06 -9.16 -17.53
N CYS A 28 36.12 -10.00 -17.97
CA CYS A 28 35.31 -10.83 -17.05
C CYS A 28 35.68 -12.31 -17.09
N CYS A 29 35.17 -13.05 -16.11
CA CYS A 29 35.40 -14.48 -15.86
C CYS A 29 34.26 -15.29 -16.49
N TYR A 30 34.59 -16.37 -17.18
CA TYR A 30 33.59 -17.26 -17.83
C TYR A 30 33.67 -18.64 -17.19
N ILE A 31 32.63 -19.02 -16.45
CA ILE A 31 32.53 -20.35 -15.79
C ILE A 31 31.07 -20.77 -15.89
N PRO A 32 30.75 -21.75 -16.73
CA PRO A 32 29.36 -22.21 -16.86
C PRO A 32 28.83 -22.67 -15.49
N ALA A 33 27.59 -22.34 -15.17
CA ALA A 33 26.88 -22.92 -14.00
C ALA A 33 26.76 -24.43 -14.24
N LYS A 34 26.69 -25.25 -13.20
CA LYS A 34 26.79 -26.73 -13.35
C LYS A 34 25.42 -27.33 -13.72
N GLN A 35 24.37 -26.52 -13.72
CA GLN A 35 22.98 -26.93 -14.08
C GLN A 35 22.27 -25.69 -14.64
N GLY A 43 19.24 -16.97 -13.78
CA GLY A 43 20.01 -17.91 -12.93
C GLY A 43 21.40 -17.35 -12.64
N GLN A 44 22.28 -18.15 -12.05
CA GLN A 44 23.68 -17.80 -11.79
C GLN A 44 24.34 -17.37 -13.10
N PRO A 45 25.03 -16.21 -13.16
CA PRO A 45 25.62 -15.76 -14.41
C PRO A 45 26.86 -16.60 -14.76
N TRP A 46 27.02 -16.92 -16.04
CA TRP A 46 28.20 -17.65 -16.55
C TRP A 46 29.36 -16.67 -16.70
N CYS A 47 29.03 -15.42 -17.04
CA CYS A 47 30.00 -14.32 -17.23
C CYS A 47 29.92 -13.38 -16.02
N PHE A 48 30.97 -13.24 -15.24
CA PHE A 48 30.90 -12.47 -13.98
C PHE A 48 32.18 -11.68 -13.74
N PHE A 49 32.06 -10.66 -12.89
CA PHE A 49 33.16 -9.74 -12.56
C PHE A 49 34.20 -10.43 -11.69
N PRO A 50 35.50 -10.39 -12.05
CA PRO A 50 36.53 -10.70 -11.07
C PRO A 50 36.60 -9.59 -10.04
N PRO A 51 37.20 -9.86 -8.87
CA PRO A 51 37.39 -8.84 -7.84
C PRO A 51 38.18 -7.63 -8.37
N SER A 52 38.99 -7.81 -9.41
CA SER A 52 39.85 -6.76 -10.00
C SER A 52 39.11 -5.99 -11.10
N TYR A 53 37.84 -6.27 -11.37
CA TYR A 53 37.15 -5.57 -12.49
C TYR A 53 37.17 -4.07 -12.19
N PRO A 54 37.49 -3.20 -13.17
CA PRO A 54 37.58 -1.76 -12.92
C PRO A 54 36.25 -1.12 -12.44
N SER A 55 36.33 -0.40 -11.33
CA SER A 55 35.20 0.33 -10.73
C SER A 55 35.60 1.81 -10.72
N TYR A 56 35.09 2.55 -9.75
CA TYR A 56 35.48 3.94 -9.46
C TYR A 56 36.46 3.89 -8.29
N LYS A 57 37.34 4.88 -8.26
CA LYS A 57 38.28 5.12 -7.14
C LYS A 57 37.77 6.32 -6.34
N LEU A 58 37.76 6.21 -5.02
CA LEU A 58 37.44 7.32 -4.11
C LEU A 58 38.64 8.26 -4.04
N GLU A 59 38.43 9.55 -4.19
CA GLU A 59 39.51 10.57 -4.09
C GLU A 59 39.01 11.79 -3.33
N ASN A 60 39.90 12.42 -2.57
CA ASN A 60 39.65 13.70 -1.88
C ASN A 60 38.44 13.58 -0.96
N LEU A 61 38.32 12.48 -0.21
CA LEU A 61 37.27 12.39 0.81
C LEU A 61 37.46 13.53 1.79
N SER A 62 36.39 14.25 2.06
CA SER A 62 36.41 15.42 2.96
CA SER A 62 36.44 15.39 3.01
C SER A 62 35.23 15.40 3.95
N SER A 63 35.41 16.02 5.10
CA SER A 63 34.39 16.10 6.17
CA SER A 63 34.39 16.09 6.17
C SER A 63 33.73 17.48 6.21
N SER A 64 32.40 17.49 6.24
CA SER A 64 31.47 18.66 6.41
C SER A 64 30.66 18.50 7.70
N GLU A 65 29.94 19.53 8.16
CA GLU A 65 29.04 19.38 9.34
C GLU A 65 27.93 18.37 9.04
N MET A 66 27.50 18.24 7.78
CA MET A 66 26.41 17.30 7.38
C MET A 66 26.94 15.86 7.38
N GLY A 67 28.19 15.67 6.97
CA GLY A 67 28.76 14.32 6.79
C GLY A 67 30.00 14.36 5.92
N TYR A 68 29.93 13.86 4.69
CA TYR A 68 31.15 13.68 3.86
C TYR A 68 30.88 14.00 2.40
N THR A 69 31.95 14.37 1.72
CA THR A 69 31.97 14.56 0.25
CA THR A 69 31.97 14.56 0.25
C THR A 69 33.24 13.95 -0.34
N ALA A 70 33.13 13.47 -1.57
CA ALA A 70 34.27 12.88 -2.29
C ALA A 70 34.04 12.95 -3.79
N THR A 71 35.14 12.77 -4.52
CA THR A 71 35.13 12.55 -5.97
C THR A 71 35.31 11.05 -6.21
N LEU A 72 34.57 10.51 -7.16
CA LEU A 72 34.75 9.12 -7.65
C LEU A 72 35.21 9.20 -9.09
N THR A 73 36.27 8.47 -9.42
CA THR A 73 36.88 8.52 -10.77
C THR A 73 36.95 7.11 -11.34
N ARG A 74 36.39 6.94 -12.54
CA ARG A 74 36.56 5.69 -13.31
C ARG A 74 37.62 5.96 -14.39
N THR A 75 38.57 5.06 -14.54
CA THR A 75 39.66 5.26 -15.53
C THR A 75 39.53 4.27 -16.68
N THR A 76 38.87 3.12 -16.52
CA THR A 76 38.62 2.15 -17.62
C THR A 76 37.13 2.16 -17.95
N PRO A 77 36.72 2.47 -19.19
CA PRO A 77 35.30 2.41 -19.57
C PRO A 77 34.67 1.04 -19.30
N THR A 78 33.36 1.03 -19.05
CA THR A 78 32.57 -0.22 -19.04
C THR A 78 32.18 -0.57 -20.48
N PHE A 79 31.40 -1.62 -20.65
CA PHE A 79 30.83 -2.05 -21.95
C PHE A 79 29.55 -1.25 -22.25
N PHE A 80 29.08 -0.34 -21.40
CA PHE A 80 27.92 0.53 -21.74
C PHE A 80 28.42 1.82 -22.35
N PRO A 81 27.65 2.47 -23.23
CA PRO A 81 28.04 3.79 -23.73
C PRO A 81 27.86 4.90 -22.68
N LYS A 82 28.63 5.97 -22.83
CA LYS A 82 28.49 7.24 -22.07
C LYS A 82 28.67 7.01 -20.58
N ASP A 83 29.67 6.24 -20.16
CA ASP A 83 30.15 6.27 -18.74
C ASP A 83 30.33 7.74 -18.33
N ILE A 84 29.92 8.07 -17.13
CA ILE A 84 30.26 9.37 -16.49
C ILE A 84 31.49 9.11 -15.61
N LEU A 85 32.64 9.53 -16.10
CA LEU A 85 33.94 9.08 -15.54
C LEU A 85 34.23 9.77 -14.20
N THR A 86 33.73 10.99 -13.99
CA THR A 86 33.90 11.73 -12.73
C THR A 86 32.54 11.95 -12.08
N LEU A 87 32.39 11.45 -10.85
CA LEU A 87 31.15 11.55 -10.05
C LEU A 87 31.44 12.32 -8.76
N ARG A 88 30.40 12.88 -8.15
CA ARG A 88 30.47 13.46 -6.80
C ARG A 88 29.66 12.59 -5.85
N LEU A 89 30.26 12.22 -4.72
CA LEU A 89 29.60 11.52 -3.60
C LEU A 89 29.28 12.52 -2.51
N ASP A 90 28.05 12.55 -2.02
CA ASP A 90 27.65 13.35 -0.85
C ASP A 90 27.02 12.39 0.16
N VAL A 91 27.53 12.40 1.38
CA VAL A 91 27.01 11.55 2.48
C VAL A 91 26.47 12.48 3.56
N MET A 92 25.19 12.29 3.90
CA MET A 92 24.48 13.15 4.87
CA MET A 92 24.48 13.15 4.87
C MET A 92 23.94 12.31 6.05
N MET A 93 24.44 12.64 7.23
CA MET A 93 24.05 11.98 8.50
CA MET A 93 24.07 11.99 8.52
C MET A 93 22.87 12.76 9.08
N GLU A 94 21.69 12.51 8.52
CA GLU A 94 20.51 13.39 8.68
C GLU A 94 19.91 13.25 10.08
N THR A 95 19.67 12.03 10.56
CA THR A 95 19.14 11.79 11.92
C THR A 95 19.90 10.61 12.53
N GLU A 96 19.62 10.30 13.79
CA GLU A 96 20.24 9.09 14.40
C GLU A 96 19.79 7.82 13.65
N ASN A 97 18.66 7.80 12.93
N ASN A 97 18.63 7.85 12.96
CA ASN A 97 18.25 6.52 12.31
CA ASN A 97 18.03 6.65 12.33
C ASN A 97 18.16 6.66 10.78
C ASN A 97 18.16 6.67 10.81
N ARG A 98 18.48 7.83 10.22
CA ARG A 98 18.44 8.01 8.75
C ARG A 98 19.80 8.46 8.21
N LEU A 99 20.39 7.65 7.36
CA LEU A 99 21.61 7.98 6.59
C LEU A 99 21.19 8.22 5.14
N HIS A 100 21.75 9.24 4.49
CA HIS A 100 21.37 9.60 3.11
C HIS A 100 22.67 9.83 2.32
N PHE A 101 22.79 9.22 1.15
CA PHE A 101 23.94 9.53 0.27
C PHE A 101 23.48 9.63 -1.16
N THR A 102 24.15 10.49 -1.91
CA THR A 102 23.88 10.66 -3.36
C THR A 102 25.17 10.49 -4.15
N ILE A 103 25.04 9.98 -5.35
CA ILE A 103 26.14 9.93 -6.35
C ILE A 103 25.60 10.61 -7.60
N LYS A 104 26.25 11.69 -7.98
CA LYS A 104 25.78 12.57 -9.08
C LYS A 104 26.93 12.93 -10.01
N ASP A 105 26.54 13.48 -11.15
CA ASP A 105 27.48 14.05 -12.13
C ASP A 105 27.68 15.51 -11.76
N PRO A 106 28.88 15.92 -11.30
CA PRO A 106 29.07 17.32 -10.86
C PRO A 106 29.10 18.30 -12.03
N ALA A 107 29.24 17.83 -13.27
CA ALA A 107 29.32 18.69 -14.48
C ALA A 107 27.94 18.87 -15.12
N ASN A 108 26.91 18.10 -14.76
CA ASN A 108 25.59 18.19 -15.45
C ASN A 108 24.48 17.88 -14.45
N ARG A 109 23.49 18.74 -14.38
CA ARG A 109 22.26 18.43 -13.61
C ARG A 109 21.65 17.21 -14.32
N ARG A 110 21.36 16.14 -13.59
CA ARG A 110 20.66 14.96 -14.16
C ARG A 110 19.25 14.96 -13.60
N TYR A 111 18.38 14.18 -14.21
CA TYR A 111 16.98 14.06 -13.73
C TYR A 111 16.99 13.57 -12.27
N GLU A 112 16.16 14.20 -11.43
CA GLU A 112 15.96 13.84 -10.00
C GLU A 112 14.46 13.81 -9.75
N VAL A 113 14.02 12.83 -8.97
CA VAL A 113 12.59 12.65 -8.69
C VAL A 113 12.16 13.84 -7.84
N PRO A 114 11.07 14.54 -8.18
CA PRO A 114 10.56 15.60 -7.29
C PRO A 114 10.07 15.02 -5.95
N LEU A 115 10.63 15.50 -4.83
CA LEU A 115 10.33 15.05 -3.44
C LEU A 115 10.41 16.24 -2.48
N GLU A 116 9.38 16.43 -1.67
CA GLU A 116 9.31 17.44 -0.57
C GLU A 116 10.28 17.05 0.56
N THR A 117 10.88 18.04 1.24
CA THR A 117 11.85 17.84 2.36
C THR A 117 11.08 17.32 3.60
N ALA A 124 23.00 7.08 25.12
CA ALA A 124 24.21 7.80 24.64
C ALA A 124 23.91 8.44 23.29
N PRO A 125 24.22 9.74 23.08
CA PRO A 125 23.91 10.40 21.82
C PRO A 125 24.88 9.99 20.71
N SER A 126 24.38 9.24 19.72
CA SER A 126 25.18 8.73 18.57
C SER A 126 24.19 8.12 17.59
N PRO A 127 24.47 8.16 16.28
CA PRO A 127 23.59 7.50 15.33
C PRO A 127 23.60 5.98 15.53
N LEU A 128 22.56 5.33 15.04
CA LEU A 128 22.45 3.85 15.08
C LEU A 128 23.41 3.22 14.07
N TYR A 129 23.93 3.99 13.11
CA TYR A 129 24.79 3.48 12.03
C TYR A 129 26.20 4.04 12.20
N SER A 130 27.16 3.36 11.58
CA SER A 130 28.50 3.92 11.33
C SER A 130 28.78 3.72 9.84
N VAL A 131 29.59 4.58 9.24
CA VAL A 131 29.84 4.51 7.79
C VAL A 131 31.35 4.56 7.58
N GLU A 132 31.84 3.73 6.67
CA GLU A 132 33.25 3.69 6.23
C GLU A 132 33.23 3.57 4.70
N PHE A 133 34.35 3.79 4.05
CA PHE A 133 34.45 3.75 2.57
C PHE A 133 35.62 2.88 2.17
N SER A 134 35.42 2.07 1.13
CA SER A 134 36.52 1.39 0.41
C SER A 134 37.03 2.38 -0.64
N GLU A 135 38.34 2.52 -0.78
CA GLU A 135 38.99 3.50 -1.69
C GLU A 135 38.95 2.96 -3.13
N GLU A 136 39.37 1.73 -3.34
CA GLU A 136 39.52 1.15 -4.69
C GLU A 136 39.46 -0.37 -4.59
N PRO A 137 38.38 -1.06 -5.04
CA PRO A 137 37.22 -0.42 -5.66
C PRO A 137 36.37 0.33 -4.65
N PHE A 138 35.74 1.41 -5.09
CA PHE A 138 34.90 2.28 -4.23
C PHE A 138 33.73 1.45 -3.67
N GLY A 139 33.46 1.64 -2.40
CA GLY A 139 32.24 1.10 -1.77
C GLY A 139 31.83 1.92 -0.57
N VAL A 140 30.55 1.94 -0.26
CA VAL A 140 30.00 2.51 1.00
C VAL A 140 29.70 1.32 1.90
N ILE A 141 30.20 1.34 3.12
CA ILE A 141 29.96 0.26 4.12
C ILE A 141 29.21 0.88 5.29
N VAL A 142 28.03 0.35 5.60
CA VAL A 142 27.20 0.83 6.73
C VAL A 142 27.07 -0.33 7.72
N HIS A 143 27.53 -0.11 8.95
CA HIS A 143 27.39 -1.05 10.08
C HIS A 143 26.23 -0.62 10.96
N ARG A 144 25.52 -1.56 11.58
CA ARG A 144 24.70 -1.24 12.77
C ARG A 144 25.67 -1.07 13.94
N GLN A 145 25.72 0.09 14.60
CA GLN A 145 26.69 0.36 15.70
C GLN A 145 26.49 -0.64 16.84
N LEU A 146 25.26 -0.99 17.19
CA LEU A 146 24.98 -1.74 18.43
C LEU A 146 25.67 -3.10 18.39
N ASP A 147 25.62 -3.83 17.27
CA ASP A 147 26.14 -5.22 17.17
C ASP A 147 27.19 -5.39 16.07
N GLY A 148 27.59 -4.33 15.37
CA GLY A 148 28.62 -4.41 14.33
C GLY A 148 28.16 -5.08 13.03
N ARG A 149 26.87 -5.38 12.86
CA ARG A 149 26.40 -6.13 11.66
C ARG A 149 26.55 -5.24 10.41
N VAL A 150 27.06 -5.81 9.32
CA VAL A 150 27.22 -5.09 8.03
C VAL A 150 25.83 -5.09 7.38
N LEU A 151 25.24 -3.92 7.17
CA LEU A 151 23.89 -3.77 6.56
C LEU A 151 24.04 -3.48 5.06
N LEU A 152 24.89 -2.50 4.73
CA LEU A 152 25.20 -2.13 3.33
C LEU A 152 26.69 -2.31 3.10
N ASN A 153 27.05 -2.89 1.96
CA ASN A 153 28.46 -2.96 1.50
C ASN A 153 28.50 -2.94 -0.02
N THR A 154 28.71 -1.77 -0.60
CA THR A 154 28.62 -1.61 -2.07
C THR A 154 29.94 -2.01 -2.73
N THR A 155 30.95 -2.43 -1.96
CA THR A 155 32.25 -2.89 -2.50
C THR A 155 32.08 -4.23 -3.21
N VAL A 156 30.97 -4.95 -3.00
CA VAL A 156 30.77 -6.36 -3.47
C VAL A 156 30.76 -6.44 -4.99
N ALA A 157 30.46 -5.35 -5.69
CA ALA A 157 30.43 -5.36 -7.17
C ALA A 157 30.82 -3.97 -7.66
N PRO A 158 31.19 -3.85 -8.94
CA PRO A 158 31.62 -2.56 -9.49
C PRO A 158 30.47 -1.55 -9.49
N LEU A 159 30.79 -0.26 -9.31
CA LEU A 159 29.80 0.81 -9.51
C LEU A 159 29.78 1.12 -11.00
N PHE A 160 28.61 1.06 -11.61
CA PHE A 160 28.37 1.50 -13.01
C PHE A 160 27.59 2.80 -12.94
N PHE A 161 28.01 3.79 -13.70
CA PHE A 161 27.29 5.08 -13.76
C PHE A 161 27.45 5.63 -15.17
N ALA A 162 26.54 5.23 -16.05
CA ALA A 162 26.48 5.68 -17.46
C ALA A 162 25.20 6.46 -17.64
N ASP A 163 25.10 7.22 -18.72
CA ASP A 163 23.93 8.11 -18.93
C ASP A 163 22.62 7.31 -18.79
N GLN A 164 22.56 6.09 -19.33
CA GLN A 164 21.30 5.28 -19.28
C GLN A 164 21.54 3.95 -18.58
N PHE A 165 22.55 3.85 -17.71
CA PHE A 165 22.72 2.61 -16.91
C PHE A 165 23.44 2.93 -15.60
N LEU A 166 22.74 2.75 -14.49
CA LEU A 166 23.31 2.88 -13.12
C LEU A 166 23.25 1.51 -12.48
N GLN A 167 24.34 1.04 -11.89
CA GLN A 167 24.27 -0.21 -11.11
C GLN A 167 25.03 -0.01 -9.79
N LEU A 168 24.33 -0.29 -8.70
CA LEU A 168 24.89 -0.29 -7.34
C LEU A 168 24.47 -1.59 -6.68
N SER A 169 25.42 -2.31 -6.07
CA SER A 169 25.13 -3.61 -5.41
C SER A 169 25.45 -3.51 -3.92
N THR A 170 24.93 -4.45 -3.14
CA THR A 170 25.25 -4.60 -1.71
C THR A 170 25.06 -6.05 -1.33
N SER A 171 25.82 -6.47 -0.32
CA SER A 171 25.48 -7.65 0.49
C SER A 171 24.15 -7.33 1.20
N LEU A 172 23.36 -8.38 1.47
CA LEU A 172 22.18 -8.30 2.35
C LEU A 172 22.53 -9.02 3.65
N PRO A 173 21.94 -8.65 4.79
CA PRO A 173 22.33 -9.27 6.06
C PRO A 173 21.70 -10.64 6.31
N SER A 174 20.71 -11.04 5.51
CA SER A 174 19.97 -12.32 5.65
C SER A 174 19.30 -12.64 4.34
N GLN A 175 18.68 -13.80 4.24
CA GLN A 175 17.88 -14.23 3.08
C GLN A 175 16.47 -13.62 3.13
N TYR A 176 16.16 -12.76 4.10
CA TYR A 176 14.79 -12.24 4.33
C TYR A 176 14.73 -10.76 3.96
N ILE A 177 13.98 -10.52 2.90
CA ILE A 177 13.84 -9.17 2.30
C ILE A 177 12.42 -9.02 1.75
N THR A 178 11.81 -7.87 2.01
CA THR A 178 10.44 -7.54 1.54
C THR A 178 10.43 -6.16 0.90
N GLY A 179 9.50 -5.94 -0.04
CA GLY A 179 9.28 -4.64 -0.67
C GLY A 179 9.30 -4.76 -2.19
N LEU A 180 9.78 -3.70 -2.87
CA LEU A 180 10.00 -3.68 -4.33
C LEU A 180 8.69 -4.03 -5.06
N ALA A 181 7.58 -3.44 -4.64
CA ALA A 181 6.27 -3.54 -5.31
C ALA A 181 6.38 -2.94 -6.72
N GLU A 182 5.47 -3.29 -7.64
CA GLU A 182 4.30 -4.13 -7.40
C GLU A 182 4.46 -5.43 -8.20
N HIS A 183 4.42 -6.56 -7.53
CA HIS A 183 4.59 -7.91 -8.14
C HIS A 183 3.70 -8.88 -7.36
N LEU A 184 3.27 -9.95 -8.03
CA LEU A 184 2.52 -11.06 -7.40
C LEU A 184 3.57 -12.03 -6.87
N SER A 185 3.80 -11.97 -5.57
CA SER A 185 4.97 -12.62 -4.90
C SER A 185 4.59 -12.94 -3.47
N PRO A 186 5.23 -13.92 -2.83
CA PRO A 186 5.22 -13.99 -1.36
C PRO A 186 5.71 -12.67 -0.77
N LEU A 187 5.35 -12.37 0.48
CA LEU A 187 5.78 -11.12 1.14
C LEU A 187 7.31 -11.10 1.19
N MET A 188 7.92 -12.23 1.57
CA MET A 188 9.41 -12.36 1.58
C MET A 188 9.83 -12.75 0.16
N LEU A 189 10.71 -11.94 -0.44
CA LEU A 189 11.10 -12.11 -1.86
C LEU A 189 12.10 -13.26 -1.96
N SER A 190 12.06 -14.01 -3.07
CA SER A 190 13.05 -15.08 -3.33
C SER A 190 14.42 -14.46 -3.65
N THR A 191 15.48 -14.85 -2.96
CA THR A 191 16.86 -14.45 -3.31
C THR A 191 17.52 -15.42 -4.31
N SER A 192 16.79 -16.35 -4.92
CA SER A 192 17.34 -17.39 -5.84
C SER A 192 17.44 -16.86 -7.26
N TRP A 193 18.30 -15.85 -7.50
CA TRP A 193 18.57 -15.26 -8.83
C TRP A 193 17.27 -14.70 -9.40
N THR A 194 16.64 -13.80 -8.68
CA THR A 194 15.33 -13.20 -9.02
C THR A 194 15.57 -11.83 -9.64
N ARG A 195 14.94 -11.54 -10.77
CA ARG A 195 14.97 -10.21 -11.41
C ARG A 195 13.61 -9.56 -11.20
N ILE A 196 13.56 -8.46 -10.45
CA ILE A 196 12.31 -7.73 -10.12
C ILE A 196 12.32 -6.44 -10.93
N THR A 197 11.31 -6.25 -11.77
CA THR A 197 11.30 -5.14 -12.74
C THR A 197 10.28 -4.10 -12.26
N LEU A 198 10.72 -2.85 -12.16
CA LEU A 198 9.87 -1.69 -11.80
C LEU A 198 9.65 -0.85 -13.06
N TRP A 199 8.49 -1.03 -13.68
CA TRP A 199 8.05 -0.25 -14.84
C TRP A 199 6.53 -0.37 -14.92
N ASN A 200 5.84 0.69 -14.55
CA ASN A 200 4.39 0.63 -14.31
C ASN A 200 3.73 0.12 -15.59
N ARG A 201 2.88 -0.90 -15.46
CA ARG A 201 2.38 -1.65 -16.63
C ARG A 201 0.99 -2.17 -16.33
N ASP A 202 0.08 -1.96 -17.26
CA ASP A 202 -1.28 -2.50 -17.23
C ASP A 202 -1.15 -3.97 -17.60
N LEU A 203 -1.14 -4.82 -16.61
CA LEU A 203 -1.19 -6.29 -16.83
C LEU A 203 -1.95 -6.91 -15.68
N ALA A 204 -2.86 -7.82 -15.95
CA ALA A 204 -3.57 -8.55 -14.89
C ALA A 204 -2.51 -9.24 -14.02
N PRO A 205 -2.58 -9.10 -12.68
CA PRO A 205 -1.54 -9.68 -11.83
C PRO A 205 -1.25 -11.14 -12.14
N THR A 206 0.02 -11.43 -12.33
CA THR A 206 0.59 -12.76 -12.66
C THR A 206 2.03 -12.72 -12.16
N PRO A 207 2.61 -13.84 -11.69
CA PRO A 207 3.98 -13.84 -11.17
C PRO A 207 5.07 -13.50 -12.22
N GLY A 208 6.17 -12.91 -11.77
CA GLY A 208 7.35 -12.66 -12.61
C GLY A 208 7.17 -11.45 -13.52
N ALA A 209 6.12 -10.65 -13.36
CA ALA A 209 5.79 -9.54 -14.27
C ALA A 209 5.86 -8.19 -13.57
N ASN A 210 6.28 -7.14 -14.26
CA ASN A 210 6.12 -5.76 -13.77
C ASN A 210 4.62 -5.41 -13.80
N LEU A 211 4.04 -5.05 -12.67
CA LEU A 211 2.61 -4.68 -12.61
C LEU A 211 2.45 -3.16 -12.48
N TYR A 212 1.35 -2.71 -11.92
CA TYR A 212 0.86 -1.33 -12.14
C TYR A 212 1.72 -0.28 -11.44
N GLY A 213 2.44 -0.65 -10.38
CA GLY A 213 3.20 0.31 -9.55
C GLY A 213 4.64 -0.09 -9.36
N SER A 214 5.41 0.86 -8.84
CA SER A 214 6.87 0.75 -8.64
C SER A 214 7.23 1.39 -7.31
N HIS A 215 7.80 0.61 -6.40
CA HIS A 215 8.21 1.11 -5.08
C HIS A 215 9.64 0.66 -4.79
N PRO A 216 10.64 1.48 -5.12
CA PRO A 216 12.04 1.07 -4.94
C PRO A 216 12.57 1.16 -3.50
N PHE A 217 11.92 0.40 -2.64
CA PHE A 217 12.19 0.32 -1.19
C PHE A 217 12.22 -1.14 -0.79
N TYR A 218 13.20 -1.52 0.03
CA TYR A 218 13.19 -2.85 0.69
C TYR A 218 13.45 -2.69 2.19
N LEU A 219 12.89 -3.63 2.93
CA LEU A 219 13.10 -3.85 4.36
C LEU A 219 13.79 -5.22 4.49
N ALA A 220 14.95 -5.26 5.16
CA ALA A 220 15.81 -6.44 5.28
C ALA A 220 15.88 -6.83 6.75
N LEU A 221 15.50 -8.07 7.07
CA LEU A 221 15.56 -8.58 8.44
C LEU A 221 16.97 -9.06 8.75
N GLU A 222 17.34 -8.93 10.02
CA GLU A 222 18.65 -9.33 10.55
C GLU A 222 18.42 -10.41 11.61
N ASP A 223 19.30 -11.38 11.68
CA ASP A 223 19.25 -12.44 12.73
C ASP A 223 19.02 -11.76 14.09
N GLY A 224 18.04 -12.23 14.87
CA GLY A 224 17.74 -11.64 16.20
C GLY A 224 16.51 -10.74 16.17
N GLY A 225 16.10 -10.23 15.00
CA GLY A 225 14.83 -9.49 14.87
C GLY A 225 14.98 -7.99 14.62
N SER A 226 16.19 -7.47 14.49
CA SER A 226 16.35 -6.07 14.05
C SER A 226 16.19 -6.04 12.53
N ALA A 227 16.06 -4.84 11.97
CA ALA A 227 15.79 -4.66 10.53
C ALA A 227 16.31 -3.29 10.11
N HIS A 228 16.58 -3.14 8.82
CA HIS A 228 16.86 -1.81 8.22
C HIS A 228 16.07 -1.75 6.91
N GLY A 229 15.95 -0.54 6.37
CA GLY A 229 15.30 -0.31 5.07
C GLY A 229 16.23 0.49 4.18
N VAL A 230 16.05 0.35 2.88
CA VAL A 230 16.80 1.10 1.85
C VAL A 230 15.78 1.59 0.81
N PHE A 231 15.83 2.88 0.54
CA PHE A 231 15.01 3.54 -0.48
C PHE A 231 15.95 4.09 -1.55
N LEU A 232 15.82 3.65 -2.80
CA LEU A 232 16.53 4.32 -3.93
C LEU A 232 15.53 5.29 -4.55
N LEU A 233 15.75 6.59 -4.41
CA LEU A 233 14.80 7.62 -4.89
C LEU A 233 15.11 7.80 -6.37
N ASN A 234 14.55 6.91 -7.18
CA ASN A 234 14.84 6.87 -8.64
C ASN A 234 13.57 6.34 -9.31
N SER A 235 13.04 7.07 -10.28
CA SER A 235 11.74 6.73 -10.92
C SER A 235 11.97 6.17 -12.31
N ASN A 236 13.21 5.87 -12.72
CA ASN A 236 13.47 5.26 -14.03
C ASN A 236 13.07 3.78 -14.06
N ALA A 237 12.85 3.23 -15.24
CA ALA A 237 12.71 1.78 -15.44
C ALA A 237 13.92 1.13 -14.76
N MET A 238 13.68 0.11 -13.93
CA MET A 238 14.81 -0.56 -13.25
C MET A 238 14.55 -2.05 -13.07
N ASP A 239 15.64 -2.79 -12.97
CA ASP A 239 15.67 -4.19 -12.51
C ASP A 239 16.35 -4.19 -11.15
N VAL A 240 15.81 -4.95 -10.23
CA VAL A 240 16.51 -5.26 -8.95
C VAL A 240 16.78 -6.76 -8.97
N VAL A 241 18.04 -7.13 -8.87
CA VAL A 241 18.48 -8.55 -8.97
C VAL A 241 18.91 -9.03 -7.60
N LEU A 242 18.27 -10.06 -7.09
CA LEU A 242 18.54 -10.69 -5.78
C LEU A 242 19.28 -12.00 -6.03
N GLN A 243 20.37 -12.23 -5.31
CA GLN A 243 21.11 -13.50 -5.44
C GLN A 243 21.39 -14.09 -4.07
N PRO A 244 21.65 -15.41 -4.01
CA PRO A 244 21.60 -16.16 -2.76
C PRO A 244 22.81 -15.99 -1.84
N SER A 245 23.81 -15.18 -2.19
CA SER A 245 25.01 -14.99 -1.32
C SER A 245 24.71 -14.59 0.12
N PRO A 246 23.76 -13.72 0.57
CA PRO A 246 22.78 -13.00 -0.25
C PRO A 246 23.21 -11.56 -0.58
N ALA A 247 22.72 -11.05 -1.71
CA ALA A 247 23.11 -9.73 -2.25
C ALA A 247 22.00 -9.20 -3.16
N LEU A 248 22.08 -7.92 -3.44
CA LEU A 248 21.07 -7.21 -4.26
C LEU A 248 21.82 -6.27 -5.21
N SER A 249 21.33 -6.11 -6.42
CA SER A 249 21.87 -5.10 -7.38
C SER A 249 20.71 -4.22 -7.85
N TRP A 250 20.82 -2.91 -7.68
CA TRP A 250 19.88 -1.96 -8.30
C TRP A 250 20.41 -1.69 -9.72
N ARG A 251 19.60 -1.84 -10.75
CA ARG A 251 20.00 -1.49 -12.12
C ARG A 251 18.97 -0.54 -12.70
N SER A 252 19.31 0.73 -12.79
CA SER A 252 18.40 1.78 -13.29
C SER A 252 18.85 2.29 -14.64
N THR A 253 17.89 2.74 -15.44
CA THR A 253 18.11 3.22 -16.82
C THR A 253 18.29 4.74 -16.86
N GLY A 254 18.32 5.42 -15.73
CA GLY A 254 18.61 6.86 -15.75
C GLY A 254 18.71 7.46 -14.37
N GLY A 255 18.68 8.79 -14.35
CA GLY A 255 18.63 9.55 -13.09
C GLY A 255 19.94 9.50 -12.37
N ILE A 256 19.87 9.50 -11.05
CA ILE A 256 21.07 9.50 -10.16
C ILE A 256 20.88 8.40 -9.12
N LEU A 257 21.92 8.19 -8.32
CA LEU A 257 21.79 7.31 -7.14
C LEU A 257 21.53 8.21 -5.95
N ASP A 258 20.35 8.09 -5.40
CA ASP A 258 19.89 8.88 -4.24
C ASP A 258 19.38 7.84 -3.24
N VAL A 259 20.18 7.54 -2.23
CA VAL A 259 19.97 6.34 -1.38
C VAL A 259 19.74 6.76 0.07
N TYR A 260 18.65 6.26 0.66
CA TYR A 260 18.33 6.44 2.09
C TYR A 260 18.43 5.09 2.78
N ILE A 261 19.08 5.10 3.94
CA ILE A 261 19.16 3.88 4.80
C ILE A 261 18.47 4.22 6.12
N PHE A 262 17.55 3.37 6.56
CA PHE A 262 16.74 3.59 7.77
C PHE A 262 17.09 2.47 8.76
N LEU A 263 17.56 2.85 9.95
CA LEU A 263 18.25 1.89 10.86
C LEU A 263 17.28 1.19 11.81
N GLY A 264 15.99 1.52 11.82
CA GLY A 264 15.09 0.75 12.71
C GLY A 264 15.37 1.08 14.18
N PRO A 265 15.71 0.12 15.07
CA PRO A 265 16.00 -1.27 14.71
C PRO A 265 14.78 -2.20 14.52
N GLU A 266 13.63 -1.81 15.02
CA GLU A 266 12.40 -2.62 14.89
C GLU A 266 11.84 -2.45 13.48
N PRO A 267 11.36 -3.52 12.83
CA PRO A 267 10.66 -3.38 11.55
C PRO A 267 9.61 -2.27 11.49
N LYS A 268 8.80 -2.09 12.54
CA LYS A 268 7.76 -1.02 12.55
C LYS A 268 8.43 0.35 12.49
N SER A 269 9.58 0.49 13.14
CA SER A 269 10.37 1.75 13.14
C SER A 269 10.96 2.00 11.74
N VAL A 270 11.42 0.94 11.07
CA VAL A 270 11.97 1.08 9.69
C VAL A 270 10.85 1.69 8.81
N VAL A 271 9.65 1.15 8.92
CA VAL A 271 8.51 1.63 8.08
C VAL A 271 8.22 3.10 8.42
N GLN A 272 8.13 3.42 9.70
CA GLN A 272 7.89 4.81 10.11
C GLN A 272 9.00 5.72 9.58
N GLN A 273 10.26 5.29 9.67
CA GLN A 273 11.39 6.13 9.21
C GLN A 273 11.31 6.36 7.68
N TYR A 274 10.93 5.33 6.95
CA TYR A 274 10.73 5.44 5.48
C TYR A 274 9.61 6.45 5.20
N LEU A 275 8.49 6.36 5.93
CA LEU A 275 7.34 7.26 5.72
C LEU A 275 7.64 8.70 6.17
N ASP A 276 8.59 8.90 7.09
N ASP A 276 8.63 8.88 7.05
CA ASP A 276 9.12 10.25 7.42
CA ASP A 276 9.17 10.21 7.45
C ASP A 276 9.63 10.92 6.14
C ASP A 276 9.79 10.91 6.22
N VAL A 277 10.24 10.16 5.22
CA VAL A 277 10.81 10.72 3.96
C VAL A 277 9.70 10.84 2.89
N VAL A 278 8.89 9.80 2.66
CA VAL A 278 7.97 9.79 1.48
C VAL A 278 6.59 10.34 1.88
N GLY A 279 6.26 10.45 3.18
CA GLY A 279 4.96 11.01 3.60
C GLY A 279 4.14 9.99 4.37
N TYR A 280 3.57 10.43 5.48
CA TYR A 280 2.64 9.57 6.24
C TYR A 280 1.36 9.42 5.43
N PRO A 281 0.70 8.25 5.54
CA PRO A 281 -0.58 8.05 4.88
C PRO A 281 -1.64 9.11 5.21
N PHE A 282 -2.46 9.43 4.19
CA PHE A 282 -3.57 10.38 4.31
C PHE A 282 -4.63 9.76 5.21
N MET A 283 -5.39 10.61 5.90
CA MET A 283 -6.50 10.14 6.75
C MET A 283 -7.74 10.01 5.88
N PRO A 284 -8.31 8.81 5.70
CA PRO A 284 -9.49 8.68 4.86
C PRO A 284 -10.70 9.23 5.62
N PRO A 285 -11.77 9.57 4.91
CA PRO A 285 -13.06 9.80 5.55
C PRO A 285 -13.56 8.48 6.15
N TYR A 286 -14.32 8.55 7.24
CA TYR A 286 -14.85 7.35 7.94
C TYR A 286 -15.67 6.50 6.97
N TRP A 287 -16.50 7.13 6.13
CA TRP A 287 -17.37 6.42 5.16
C TRP A 287 -16.54 5.57 4.18
N GLY A 288 -15.29 5.93 3.90
CA GLY A 288 -14.41 5.19 2.98
C GLY A 288 -14.04 3.83 3.53
N LEU A 289 -14.24 3.61 4.83
CA LEU A 289 -13.95 2.32 5.51
C LEU A 289 -15.17 1.41 5.47
N GLY A 290 -16.31 1.91 5.02
CA GLY A 290 -17.50 1.07 4.81
C GLY A 290 -17.37 0.18 3.59
N PHE A 291 -18.41 -0.58 3.30
CA PHE A 291 -18.45 -1.47 2.13
C PHE A 291 -18.73 -0.65 0.88
N HIS A 292 -17.96 -0.95 -0.16
CA HIS A 292 -18.10 -0.39 -1.53
C HIS A 292 -18.56 -1.49 -2.48
N LEU A 293 -19.46 -1.16 -3.40
CA LEU A 293 -19.95 -2.15 -4.37
C LEU A 293 -19.96 -1.52 -5.77
N CYS A 294 -19.38 -2.24 -6.71
CA CYS A 294 -19.14 -1.77 -8.10
C CYS A 294 -19.27 -2.96 -9.04
N ARG A 295 -19.65 -2.73 -10.29
CA ARG A 295 -19.25 -3.64 -11.37
C ARG A 295 -19.19 -2.82 -12.65
N TRP A 296 -18.49 -3.37 -13.59
CA TRP A 296 -18.58 -2.97 -15.01
C TRP A 296 -19.84 -3.68 -15.53
N GLY A 297 -20.86 -2.92 -15.93
CA GLY A 297 -22.11 -3.48 -16.46
C GLY A 297 -23.38 -3.02 -15.73
N TYR A 298 -23.30 -2.13 -14.73
CA TYR A 298 -24.51 -1.44 -14.18
C TYR A 298 -24.86 -0.33 -15.16
N SER A 299 -25.68 -0.65 -16.16
CA SER A 299 -25.76 0.07 -17.45
C SER A 299 -26.85 1.15 -17.42
N SER A 300 -27.50 1.39 -16.29
CA SER A 300 -28.49 2.46 -16.12
C SER A 300 -28.55 2.89 -14.67
N THR A 301 -29.13 4.05 -14.41
CA THR A 301 -29.46 4.51 -13.04
C THR A 301 -30.50 3.56 -12.45
N ALA A 302 -31.44 3.07 -13.23
CA ALA A 302 -32.47 2.13 -12.73
C ALA A 302 -31.76 0.88 -12.18
N ILE A 303 -30.84 0.28 -12.93
CA ILE A 303 -30.11 -0.93 -12.47
C ILE A 303 -29.28 -0.56 -11.23
N THR A 304 -28.58 0.57 -11.26
CA THR A 304 -27.67 0.98 -10.14
C THR A 304 -28.51 1.16 -8.88
N ARG A 305 -29.70 1.77 -8.99
CA ARG A 305 -30.61 1.94 -7.83
C ARG A 305 -31.07 0.58 -7.30
N GLN A 306 -31.29 -0.40 -8.19
CA GLN A 306 -31.73 -1.75 -7.76
C GLN A 306 -30.65 -2.46 -6.93
N VAL A 307 -29.37 -2.16 -7.17
CA VAL A 307 -28.26 -2.73 -6.36
C VAL A 307 -28.43 -2.28 -4.92
N VAL A 308 -28.57 -0.97 -4.71
CA VAL A 308 -28.77 -0.43 -3.34
C VAL A 308 -30.03 -1.04 -2.72
N GLU A 309 -31.11 -1.10 -3.48
CA GLU A 309 -32.41 -1.67 -2.99
C GLU A 309 -32.21 -3.13 -2.57
N ASN A 310 -31.52 -3.91 -3.41
CA ASN A 310 -31.34 -5.37 -3.20
C ASN A 310 -30.44 -5.58 -1.99
N MET A 311 -29.40 -4.76 -1.82
CA MET A 311 -28.51 -4.85 -0.64
C MET A 311 -29.34 -4.52 0.63
N THR A 312 -30.13 -3.46 0.58
CA THR A 312 -30.88 -2.94 1.76
C THR A 312 -31.92 -3.99 2.17
N ARG A 313 -32.64 -4.53 1.20
CA ARG A 313 -33.72 -5.54 1.40
CA ARG A 313 -33.71 -5.54 1.41
C ARG A 313 -33.17 -6.76 2.18
N ALA A 314 -31.94 -7.16 1.86
CA ALA A 314 -31.28 -8.37 2.43
C ALA A 314 -30.41 -7.99 3.63
N HIS A 315 -30.52 -6.77 4.16
CA HIS A 315 -29.82 -6.27 5.38
C HIS A 315 -28.31 -6.33 5.19
N PHE A 316 -27.80 -6.02 4.01
CA PHE A 316 -26.34 -5.92 3.78
C PHE A 316 -25.92 -4.46 3.88
N PRO A 317 -24.98 -4.12 4.77
CA PRO A 317 -24.46 -2.75 4.82
C PRO A 317 -23.83 -2.38 3.48
N LEU A 318 -24.00 -1.14 3.07
CA LEU A 318 -23.40 -0.58 1.85
C LEU A 318 -23.22 0.92 2.05
N ASP A 319 -21.98 1.41 2.13
CA ASP A 319 -21.76 2.86 2.31
C ASP A 319 -21.66 3.56 0.95
N VAL A 320 -21.08 2.93 -0.04
CA VAL A 320 -20.67 3.62 -1.29
C VAL A 320 -21.08 2.79 -2.49
N GLN A 321 -21.93 3.36 -3.35
CA GLN A 321 -22.29 2.76 -4.63
C GLN A 321 -21.34 3.33 -5.67
N TRP A 322 -20.84 2.49 -6.57
CA TRP A 322 -19.89 2.91 -7.63
C TRP A 322 -20.50 2.66 -9.00
N ASN A 323 -20.01 3.37 -10.01
CA ASN A 323 -20.21 3.00 -11.44
C ASN A 323 -18.84 2.97 -12.11
N ASP A 324 -18.72 2.08 -13.07
CA ASP A 324 -17.60 1.98 -14.06
C ASP A 324 -17.95 2.82 -15.30
N LEU A 325 -17.37 2.51 -16.46
CA LEU A 325 -17.51 3.27 -17.74
C LEU A 325 -18.97 3.47 -18.15
N ASP A 326 -19.90 2.66 -17.66
CA ASP A 326 -21.35 2.68 -18.03
C ASP A 326 -21.94 4.08 -18.00
N TYR A 327 -21.54 4.94 -17.05
CA TYR A 327 -22.19 6.26 -16.85
C TYR A 327 -21.86 7.21 -17.99
N MET A 328 -20.72 7.02 -18.62
CA MET A 328 -20.15 8.04 -19.53
C MET A 328 -20.93 8.11 -20.84
N ASP A 329 -20.81 9.26 -21.52
CA ASP A 329 -21.24 9.37 -22.94
C ASP A 329 -20.10 8.91 -23.86
N SER A 330 -20.23 7.74 -24.49
CA SER A 330 -19.25 7.16 -25.45
C SER A 330 -17.90 7.06 -24.74
N ARG A 331 -17.91 6.63 -23.48
CA ARG A 331 -16.71 6.26 -22.68
C ARG A 331 -15.79 7.48 -22.52
N ARG A 332 -16.37 8.68 -22.40
CA ARG A 332 -15.60 9.93 -22.21
C ARG A 332 -15.73 10.45 -20.78
N ASP A 333 -14.60 10.84 -20.19
CA ASP A 333 -14.56 11.52 -18.87
C ASP A 333 -15.46 12.77 -18.88
N PHE A 334 -16.05 13.07 -17.71
CA PHE A 334 -16.73 14.35 -17.40
C PHE A 334 -17.94 14.48 -18.32
N THR A 335 -18.55 13.34 -18.67
CA THR A 335 -19.83 13.27 -19.39
C THR A 335 -20.69 12.20 -18.74
N PHE A 336 -22.00 12.24 -19.02
CA PHE A 336 -22.89 11.11 -18.70
C PHE A 336 -23.88 10.97 -19.84
N ASN A 337 -24.19 9.73 -20.21
CA ASN A 337 -25.06 9.45 -21.39
C ASN A 337 -26.51 9.83 -21.03
N LYS A 338 -27.32 10.14 -22.04
CA LYS A 338 -28.69 10.66 -21.85
C LYS A 338 -29.68 9.53 -22.14
N ASP A 339 -29.20 8.29 -22.15
CA ASP A 339 -30.04 7.07 -22.22
C ASP A 339 -30.21 6.52 -20.79
N GLY A 340 -29.43 5.50 -20.44
CA GLY A 340 -29.47 4.85 -19.12
C GLY A 340 -29.19 5.81 -17.99
N PHE A 341 -28.38 6.86 -18.22
CA PHE A 341 -27.89 7.75 -17.14
C PHE A 341 -28.44 9.17 -17.29
N ARG A 342 -29.59 9.32 -17.95
CA ARG A 342 -30.22 10.65 -18.13
C ARG A 342 -30.44 11.35 -16.78
N ASP A 343 -30.85 10.63 -15.74
CA ASP A 343 -31.16 11.21 -14.40
C ASP A 343 -30.03 10.91 -13.41
N PHE A 344 -28.79 10.87 -13.89
CA PHE A 344 -27.57 10.62 -13.07
C PHE A 344 -27.51 11.57 -11.87
N PRO A 345 -27.69 12.91 -12.02
CA PRO A 345 -27.61 13.81 -10.87
C PRO A 345 -28.61 13.41 -9.78
N ALA A 346 -29.84 13.08 -10.19
CA ALA A 346 -30.91 12.71 -9.23
C ALA A 346 -30.52 11.43 -8.48
N MET A 347 -29.96 10.44 -9.18
CA MET A 347 -29.54 9.17 -8.57
C MET A 347 -28.54 9.46 -7.44
N VAL A 348 -27.55 10.31 -7.69
CA VAL A 348 -26.48 10.57 -6.70
C VAL A 348 -27.03 11.38 -5.53
N GLN A 349 -27.90 12.36 -5.79
CA GLN A 349 -28.59 13.15 -4.75
C GLN A 349 -29.41 12.21 -3.85
N GLU A 350 -30.14 11.26 -4.44
CA GLU A 350 -30.94 10.26 -3.66
C GLU A 350 -30.00 9.40 -2.80
N LEU A 351 -28.85 8.97 -3.32
CA LEU A 351 -27.90 8.18 -2.50
C LEU A 351 -27.56 8.98 -1.24
N HIS A 352 -27.22 10.26 -1.40
CA HIS A 352 -26.85 11.15 -0.27
C HIS A 352 -28.02 11.28 0.70
N GLN A 353 -29.24 11.41 0.18
CA GLN A 353 -30.45 11.53 1.05
C GLN A 353 -30.57 10.29 1.94
N GLY A 354 -30.22 9.10 1.43
CA GLY A 354 -30.24 7.83 2.21
C GLY A 354 -29.02 7.62 3.10
N GLY A 355 -28.03 8.52 3.07
CA GLY A 355 -26.85 8.46 3.95
C GLY A 355 -25.69 7.67 3.31
N ARG A 356 -25.69 7.53 1.99
CA ARG A 356 -24.62 6.79 1.26
C ARG A 356 -23.80 7.79 0.44
N ARG A 357 -22.65 7.35 -0.05
CA ARG A 357 -21.75 8.16 -0.90
C ARG A 357 -21.69 7.50 -2.27
N TYR A 358 -21.10 8.21 -3.23
CA TYR A 358 -21.05 7.77 -4.63
C TYR A 358 -19.64 7.97 -5.17
N MET A 359 -19.16 6.96 -5.86
CA MET A 359 -17.84 6.98 -6.55
CA MET A 359 -17.83 6.94 -6.53
C MET A 359 -17.96 6.52 -8.00
N MET A 360 -17.12 7.07 -8.85
CA MET A 360 -17.15 6.60 -10.25
C MET A 360 -15.75 6.64 -10.86
N ILE A 361 -15.59 5.84 -11.90
CA ILE A 361 -14.29 5.74 -12.60
C ILE A 361 -14.00 7.06 -13.31
N VAL A 362 -12.73 7.44 -13.32
CA VAL A 362 -12.18 8.51 -14.17
C VAL A 362 -10.91 7.93 -14.80
N ASP A 363 -10.76 8.03 -16.12
CA ASP A 363 -9.56 7.58 -16.87
C ASP A 363 -8.69 8.81 -17.15
N PRO A 364 -7.38 8.66 -17.37
CA PRO A 364 -6.56 9.84 -17.64
C PRO A 364 -6.74 10.35 -19.08
N ALA A 365 -6.97 9.43 -20.01
CA ALA A 365 -6.98 9.74 -21.45
C ALA A 365 -8.23 10.56 -21.80
N ILE A 366 -8.05 11.55 -22.66
CA ILE A 366 -9.09 12.53 -23.05
C ILE A 366 -9.36 12.40 -24.55
N SER A 367 -10.59 12.09 -24.92
CA SER A 367 -11.01 11.92 -26.34
C SER A 367 -10.55 13.12 -27.16
N SER A 368 -9.80 12.88 -28.23
CA SER A 368 -9.22 13.93 -29.09
C SER A 368 -9.91 14.00 -30.46
N SER A 369 -10.93 13.18 -30.72
CA SER A 369 -11.44 12.96 -32.10
C SER A 369 -12.76 13.71 -32.29
N GLY A 370 -13.31 14.32 -31.25
CA GLY A 370 -14.66 14.93 -31.32
C GLY A 370 -14.57 16.19 -32.18
N PRO A 371 -15.67 16.67 -32.77
CA PRO A 371 -15.64 17.95 -33.48
C PRO A 371 -15.13 19.07 -32.54
N ALA A 372 -14.29 19.96 -33.06
CA ALA A 372 -13.78 21.11 -32.30
C ALA A 372 -14.94 21.86 -31.66
N GLY A 373 -14.82 22.21 -30.38
CA GLY A 373 -15.83 22.98 -29.64
C GLY A 373 -16.92 22.10 -29.05
N SER A 374 -16.89 20.78 -29.27
CA SER A 374 -17.99 19.87 -28.81
C SER A 374 -17.62 19.13 -27.51
N TYR A 375 -16.37 19.14 -27.06
CA TYR A 375 -15.94 18.34 -25.87
C TYR A 375 -14.93 19.15 -25.05
N ARG A 376 -15.41 19.85 -24.04
CA ARG A 376 -14.66 20.89 -23.29
C ARG A 376 -13.37 20.31 -22.72
N PRO A 377 -13.32 19.10 -22.11
CA PRO A 377 -12.07 18.61 -21.53
C PRO A 377 -10.92 18.61 -22.55
N TYR A 378 -11.20 18.19 -23.78
CA TYR A 378 -10.17 18.23 -24.85
C TYR A 378 -9.94 19.68 -25.30
N ASP A 379 -11.01 20.41 -25.61
CA ASP A 379 -10.91 21.77 -26.21
C ASP A 379 -10.15 22.70 -25.26
N GLU A 380 -10.48 22.67 -23.97
CA GLU A 380 -9.83 23.51 -22.94
C GLU A 380 -8.41 22.99 -22.69
N GLY A 381 -8.21 21.65 -22.70
CA GLY A 381 -6.87 21.06 -22.54
C GLY A 381 -5.93 21.52 -23.63
N LEU A 382 -6.44 21.56 -24.86
CA LEU A 382 -5.67 22.01 -26.04
C LEU A 382 -5.28 23.48 -25.86
N ARG A 383 -6.24 24.31 -25.46
CA ARG A 383 -6.04 25.77 -25.28
C ARG A 383 -4.93 26.02 -24.27
N ARG A 384 -4.91 25.26 -23.18
CA ARG A 384 -4.00 25.53 -22.05
C ARG A 384 -2.72 24.69 -22.17
N GLY A 385 -2.61 23.83 -23.18
CA GLY A 385 -1.40 23.02 -23.43
C GLY A 385 -1.15 22.00 -22.31
N VAL A 386 -2.19 21.29 -21.88
CA VAL A 386 -2.12 20.38 -20.70
C VAL A 386 -1.58 19.00 -21.09
N PHE A 387 -1.45 18.67 -22.38
CA PHE A 387 -1.21 17.27 -22.79
C PHE A 387 0.28 16.98 -22.99
N ILE A 388 0.65 15.71 -22.83
CA ILE A 388 2.00 15.19 -23.19
C ILE A 388 2.15 15.37 -24.69
N THR A 389 3.27 15.91 -25.13
CA THR A 389 3.47 16.23 -26.56
C THR A 389 4.55 15.36 -27.17
N ASN A 390 4.58 15.33 -28.50
CA ASN A 390 5.56 14.54 -29.25
C ASN A 390 6.63 15.47 -29.84
N GLU A 391 7.44 14.92 -30.74
CA GLU A 391 8.66 15.55 -31.30
C GLU A 391 8.31 16.91 -31.91
N THR A 392 7.15 17.05 -32.54
CA THR A 392 6.75 18.27 -33.29
C THR A 392 6.00 19.22 -32.37
N GLY A 393 5.76 18.84 -31.11
CA GLY A 393 5.11 19.70 -30.12
C GLY A 393 3.60 19.54 -30.11
N GLN A 394 3.06 18.58 -30.84
CA GLN A 394 1.60 18.33 -30.87
C GLN A 394 1.28 17.27 -29.81
N PRO A 395 0.02 17.17 -29.37
CA PRO A 395 -0.35 16.13 -28.40
C PRO A 395 -0.05 14.73 -28.93
N LEU A 396 0.50 13.91 -28.06
CA LEU A 396 0.72 12.50 -28.37
C LEU A 396 -0.66 11.85 -28.36
N ILE A 397 -1.03 11.15 -29.43
CA ILE A 397 -2.37 10.53 -29.53
C ILE A 397 -2.20 9.01 -29.43
N GLY A 398 -2.90 8.41 -28.48
CA GLY A 398 -2.97 6.95 -28.33
C GLY A 398 -4.40 6.48 -28.55
N LYS A 399 -4.69 5.25 -28.17
CA LYS A 399 -6.03 4.65 -28.36
C LYS A 399 -6.43 4.04 -27.02
N VAL A 400 -7.52 4.53 -26.44
CA VAL A 400 -8.10 3.88 -25.24
C VAL A 400 -9.61 3.76 -25.46
N TRP A 401 -10.41 3.78 -24.40
CA TRP A 401 -11.84 3.41 -24.49
C TRP A 401 -12.63 4.31 -25.44
N PRO A 402 -12.46 5.65 -25.46
CA PRO A 402 -13.25 6.49 -26.34
C PRO A 402 -12.75 6.46 -27.78
N GLY A 403 -11.62 5.80 -28.03
CA GLY A 403 -10.94 5.84 -29.33
C GLY A 403 -9.65 6.64 -29.18
N SER A 404 -9.34 7.51 -30.14
CA SER A 404 -8.13 8.37 -30.11
C SER A 404 -8.17 9.25 -28.87
N THR A 405 -7.05 9.33 -28.13
CA THR A 405 -7.00 10.16 -26.93
C THR A 405 -5.65 10.84 -26.77
N ALA A 406 -5.67 11.97 -26.09
CA ALA A 406 -4.46 12.68 -25.60
C ALA A 406 -4.27 12.34 -24.11
N PHE A 407 -3.07 12.50 -23.61
CA PHE A 407 -2.73 12.12 -22.21
C PHE A 407 -2.31 13.37 -21.44
N PRO A 408 -3.03 13.74 -20.37
CA PRO A 408 -2.69 14.90 -19.56
C PRO A 408 -1.30 14.73 -18.94
N ASP A 409 -0.56 15.81 -18.90
CA ASP A 409 0.76 15.87 -18.23
C ASP A 409 0.55 16.40 -16.80
N PHE A 410 0.46 15.53 -15.80
CA PHE A 410 0.19 15.98 -14.41
C PHE A 410 1.46 16.51 -13.73
N THR A 411 2.57 16.76 -14.45
CA THR A 411 3.73 17.52 -13.91
C THR A 411 3.60 18.98 -14.32
N ASN A 412 2.66 19.30 -15.20
CA ASN A 412 2.45 20.68 -15.69
C ASN A 412 1.49 21.40 -14.76
N PRO A 413 1.91 22.49 -14.08
CA PRO A 413 1.02 23.24 -13.16
C PRO A 413 -0.29 23.67 -13.83
N THR A 414 -0.26 23.98 -15.13
CA THR A 414 -1.47 24.38 -15.88
C THR A 414 -2.42 23.19 -16.02
N ALA A 415 -1.90 22.00 -16.26
CA ALA A 415 -2.72 20.76 -16.28
C ALA A 415 -3.39 20.52 -14.92
N LEU A 416 -2.70 20.77 -13.81
CA LEU A 416 -3.34 20.65 -12.47
C LEU A 416 -4.54 21.61 -12.38
N ALA A 417 -4.39 22.85 -12.86
CA ALA A 417 -5.49 23.86 -12.82
C ALA A 417 -6.64 23.37 -13.72
N TRP A 418 -6.32 22.86 -14.92
CA TRP A 418 -7.33 22.32 -15.85
C TRP A 418 -8.08 21.13 -15.21
N TRP A 419 -7.36 20.23 -14.57
CA TRP A 419 -7.96 19.03 -13.94
C TRP A 419 -8.90 19.47 -12.81
N GLU A 420 -8.47 20.41 -11.98
CA GLU A 420 -9.29 20.99 -10.89
C GLU A 420 -10.58 21.56 -11.47
N ASP A 421 -10.49 22.30 -12.57
CA ASP A 421 -11.68 22.90 -13.24
C ASP A 421 -12.60 21.79 -13.79
N MET A 422 -12.06 20.78 -14.48
CA MET A 422 -12.90 19.73 -15.11
C MET A 422 -13.63 18.97 -13.98
N VAL A 423 -12.91 18.63 -12.92
CA VAL A 423 -13.51 17.91 -11.75
C VAL A 423 -14.58 18.81 -11.08
N ALA A 424 -14.28 20.08 -10.80
CA ALA A 424 -15.20 21.03 -10.14
C ALA A 424 -16.45 21.22 -10.99
N GLU A 425 -16.29 21.40 -12.30
CA GLU A 425 -17.46 21.60 -13.22
C GLU A 425 -18.32 20.34 -13.27
N PHE A 426 -17.70 19.17 -13.36
CA PHE A 426 -18.46 17.90 -13.40
C PHE A 426 -19.16 17.71 -12.05
N HIS A 427 -18.51 18.06 -10.94
CA HIS A 427 -19.08 17.91 -9.57
C HIS A 427 -20.30 18.84 -9.39
N ASP A 428 -20.36 19.98 -10.10
CA ASP A 428 -21.54 20.89 -10.13
C ASP A 428 -22.72 20.21 -10.82
N GLN A 429 -22.49 19.33 -11.77
CA GLN A 429 -23.56 18.53 -12.41
C GLN A 429 -23.93 17.33 -11.56
N VAL A 430 -22.94 16.56 -11.09
CA VAL A 430 -23.15 15.29 -10.35
C VAL A 430 -22.27 15.28 -9.11
N PRO A 431 -22.83 15.34 -7.89
CA PRO A 431 -22.03 15.51 -6.67
C PRO A 431 -21.36 14.22 -6.16
N PHE A 432 -20.45 13.67 -6.95
CA PHE A 432 -19.68 12.44 -6.58
C PHE A 432 -18.78 12.75 -5.39
N ASP A 433 -18.43 11.72 -4.60
CA ASP A 433 -17.76 11.91 -3.29
C ASP A 433 -16.28 11.54 -3.33
N GLY A 434 -15.80 11.10 -4.48
CA GLY A 434 -14.39 10.70 -4.65
C GLY A 434 -14.12 10.29 -6.08
N MET A 435 -12.90 9.87 -6.38
CA MET A 435 -12.50 9.51 -7.75
C MET A 435 -11.77 8.17 -7.73
N TRP A 436 -12.23 7.27 -8.58
CA TRP A 436 -11.57 5.98 -8.87
C TRP A 436 -10.71 6.17 -10.13
N ILE A 437 -9.40 6.36 -9.97
CA ILE A 437 -8.52 6.69 -11.12
C ILE A 437 -7.87 5.40 -11.62
N ASP A 438 -8.39 4.93 -12.76
CA ASP A 438 -7.92 3.69 -13.42
C ASP A 438 -7.01 4.03 -14.60
N MET A 439 -6.26 3.03 -15.10
CA MET A 439 -5.51 3.08 -16.39
C MET A 439 -4.42 4.14 -16.36
N ASN A 440 -3.83 4.42 -15.20
CA ASN A 440 -2.94 5.59 -15.02
C ASN A 440 -1.48 5.14 -14.96
N GLU A 441 -1.15 4.09 -15.71
CA GLU A 441 0.24 3.64 -15.90
C GLU A 441 1.10 4.64 -16.67
N PRO A 442 0.69 5.38 -17.73
CA PRO A 442 -0.62 5.33 -18.38
C PRO A 442 -0.79 4.18 -19.37
N SER A 443 -1.98 3.57 -19.39
CA SER A 443 -2.33 2.42 -20.22
C SER A 443 -2.66 2.91 -21.63
N ASN A 444 -2.14 2.23 -22.64
CA ASN A 444 -2.41 2.55 -24.06
C ASN A 444 -2.77 1.23 -24.75
N PHE A 445 -3.84 1.20 -25.53
CA PHE A 445 -4.27 -0.03 -26.24
C PHE A 445 -3.40 -0.29 -27.48
N ILE A 446 -2.58 0.66 -27.88
CA ILE A 446 -1.63 0.46 -29.01
C ILE A 446 -0.26 0.81 -28.48
N ARG A 447 0.78 0.52 -29.25
CA ARG A 447 2.17 0.68 -28.77
C ARG A 447 2.64 2.11 -29.05
N GLY A 448 2.88 2.89 -28.00
CA GLY A 448 3.49 4.23 -28.09
C GLY A 448 2.50 5.31 -28.46
N SER A 449 2.10 5.35 -29.72
CA SER A 449 1.15 6.34 -30.26
C SER A 449 0.62 5.87 -31.60
N GLU A 450 -0.46 6.51 -32.06
CA GLU A 450 -1.08 6.25 -33.37
C GLU A 450 -0.03 6.44 -34.47
N ASP A 451 0.96 7.31 -34.22
CA ASP A 451 2.02 7.71 -35.20
C ASP A 451 3.31 6.96 -34.90
N GLY A 452 3.24 5.94 -34.06
CA GLY A 452 4.41 5.17 -33.61
C GLY A 452 5.33 6.04 -32.77
N CYS A 453 6.60 5.65 -32.67
CA CYS A 453 7.59 6.39 -31.85
C CYS A 453 8.83 6.59 -32.70
N PRO A 454 9.59 7.66 -32.46
CA PRO A 454 10.83 7.88 -33.19
C PRO A 454 11.92 6.87 -32.79
N ASN A 455 12.99 6.82 -33.59
CA ASN A 455 14.13 5.94 -33.30
C ASN A 455 15.14 6.81 -32.58
N ASN A 456 15.20 6.72 -31.26
CA ASN A 456 16.24 7.45 -30.47
C ASN A 456 16.64 6.59 -29.29
N GLU A 457 17.59 7.08 -28.49
CA GLU A 457 18.19 6.32 -27.36
C GLU A 457 17.18 6.15 -26.21
N LEU A 458 16.18 7.00 -26.10
CA LEU A 458 15.13 6.85 -25.03
C LEU A 458 14.18 5.72 -25.43
N GLU A 459 13.78 5.64 -26.69
CA GLU A 459 12.86 4.59 -27.17
C GLU A 459 13.59 3.24 -27.25
N ASN A 460 14.89 3.27 -27.57
CA ASN A 460 15.73 2.05 -27.74
C ASN A 460 16.97 2.19 -26.88
N PRO A 461 16.85 2.02 -25.54
CA PRO A 461 17.97 2.27 -24.62
C PRO A 461 18.96 1.11 -24.60
N PRO A 462 20.21 1.36 -24.14
CA PRO A 462 21.26 0.35 -24.19
C PRO A 462 20.95 -0.82 -23.25
N TYR A 463 20.18 -0.58 -22.18
CA TYR A 463 19.77 -1.66 -21.26
C TYR A 463 18.25 -1.56 -21.11
N VAL A 464 17.58 -2.63 -21.49
CA VAL A 464 16.10 -2.72 -21.33
C VAL A 464 15.83 -3.68 -20.19
N PRO A 465 15.23 -3.21 -19.08
CA PRO A 465 14.90 -4.07 -17.95
C PRO A 465 13.86 -5.14 -18.36
N GLY A 466 13.62 -6.13 -17.51
CA GLY A 466 12.81 -7.32 -17.87
C GLY A 466 11.32 -7.02 -17.95
N VAL A 467 10.93 -5.99 -18.67
CA VAL A 467 9.50 -5.60 -18.76
C VAL A 467 8.75 -6.60 -19.65
N VAL A 468 7.47 -6.85 -19.37
CA VAL A 468 6.60 -7.62 -20.30
C VAL A 468 6.57 -6.92 -21.65
N GLY A 469 6.84 -7.68 -22.73
CA GLY A 469 6.77 -7.18 -24.10
C GLY A 469 8.12 -6.71 -24.58
N GLY A 470 9.10 -6.63 -23.67
CA GLY A 470 10.53 -6.41 -24.03
C GLY A 470 10.81 -5.01 -24.52
N THR A 471 9.91 -4.06 -24.31
CA THR A 471 10.10 -2.65 -24.72
C THR A 471 9.41 -1.73 -23.70
N LEU A 472 9.99 -0.56 -23.46
CA LEU A 472 9.38 0.46 -22.56
C LEU A 472 8.05 0.98 -23.16
N GLN A 473 7.83 0.84 -24.47
CA GLN A 473 6.64 1.40 -25.17
CA GLN A 473 6.63 1.38 -25.19
C GLN A 473 5.42 0.46 -25.02
N ALA A 474 5.64 -0.81 -24.69
CA ALA A 474 4.54 -1.80 -24.71
C ALA A 474 3.45 -1.38 -23.73
N ALA A 475 2.20 -1.30 -24.23
CA ALA A 475 0.97 -0.99 -23.47
C ALA A 475 1.00 0.43 -22.90
N THR A 476 1.84 1.32 -23.43
CA THR A 476 1.94 2.70 -22.89
C THR A 476 2.31 3.67 -24.01
N ILE A 477 2.83 4.83 -23.64
CA ILE A 477 3.10 5.94 -24.60
C ILE A 477 4.61 6.00 -24.84
N CYS A 478 5.01 6.77 -25.86
CA CYS A 478 6.41 6.88 -26.27
C CYS A 478 7.25 7.35 -25.09
N ALA A 479 8.41 6.72 -24.89
CA ALA A 479 9.38 7.08 -23.84
C ALA A 479 9.98 8.46 -24.11
N SER A 480 10.09 8.91 -25.36
CA SER A 480 10.75 10.19 -25.66
C SER A 480 9.72 11.34 -25.68
N SER A 481 8.46 11.07 -25.37
CA SER A 481 7.40 12.10 -25.29
C SER A 481 7.73 13.11 -24.19
N HIS A 482 7.24 14.33 -24.36
CA HIS A 482 7.61 15.52 -23.56
C HIS A 482 6.58 15.77 -22.45
N GLN A 483 7.06 15.92 -21.22
CA GLN A 483 6.29 16.47 -20.09
C GLN A 483 6.95 17.74 -19.55
N PHE A 484 6.24 18.48 -18.74
CA PHE A 484 6.72 19.79 -18.23
C PHE A 484 8.07 19.59 -17.51
N LEU A 485 8.19 18.58 -16.65
CA LEU A 485 9.42 18.41 -15.82
C LEU A 485 10.54 17.68 -16.56
N SER A 486 10.23 16.78 -17.48
CA SER A 486 11.25 15.91 -18.13
C SER A 486 10.55 15.09 -19.23
N THR A 487 11.28 14.14 -19.81
CA THR A 487 10.74 13.15 -20.77
C THR A 487 9.92 12.10 -20.01
N HIS A 488 9.01 11.43 -20.70
CA HIS A 488 8.22 10.31 -20.13
C HIS A 488 9.18 9.22 -19.68
N TYR A 489 10.34 9.06 -20.33
CA TYR A 489 11.34 8.04 -19.95
C TYR A 489 11.65 8.15 -18.45
N ASN A 490 11.85 9.36 -17.96
CA ASN A 490 12.20 9.63 -16.55
C ASN A 490 10.97 9.60 -15.66
N LEU A 491 9.81 10.00 -16.18
CA LEU A 491 8.62 10.32 -15.35
C LEU A 491 7.56 9.22 -15.40
N HIS A 492 7.69 8.24 -16.27
CA HIS A 492 6.65 7.19 -16.48
C HIS A 492 6.17 6.64 -15.13
N ASN A 493 7.09 6.23 -14.27
CA ASN A 493 6.72 5.51 -13.02
C ASN A 493 6.01 6.46 -12.04
N LEU A 494 6.02 7.78 -12.27
CA LEU A 494 5.30 8.78 -11.44
C LEU A 494 3.93 9.12 -12.02
N TYR A 495 3.57 8.62 -13.20
CA TYR A 495 2.37 9.12 -13.89
C TYR A 495 1.16 8.97 -12.98
N GLY A 496 0.93 7.76 -12.48
CA GLY A 496 -0.19 7.47 -11.58
C GLY A 496 -0.16 8.34 -10.34
N LEU A 497 0.97 8.39 -9.66
CA LEU A 497 1.15 9.25 -8.47
C LEU A 497 0.79 10.72 -8.81
N THR A 498 1.29 11.26 -9.91
CA THR A 498 1.03 12.68 -10.27
C THR A 498 -0.48 12.88 -10.50
N GLU A 499 -1.16 11.91 -11.09
CA GLU A 499 -2.64 12.02 -11.26
C GLU A 499 -3.30 11.97 -9.87
N ALA A 500 -2.82 11.12 -8.97
CA ALA A 500 -3.40 10.98 -7.62
C ALA A 500 -3.27 12.31 -6.88
N ILE A 501 -2.10 12.94 -6.97
CA ILE A 501 -1.87 14.29 -6.37
C ILE A 501 -2.86 15.29 -6.98
N ALA A 502 -2.97 15.34 -8.30
CA ALA A 502 -3.85 16.31 -9.00
C ALA A 502 -5.30 16.07 -8.54
N SER A 503 -5.68 14.82 -8.41
CA SER A 503 -7.07 14.40 -8.08
C SER A 503 -7.37 14.72 -6.61
N HIS A 504 -6.41 14.46 -5.72
CA HIS A 504 -6.51 14.80 -4.27
C HIS A 504 -6.80 16.32 -4.18
N ARG A 505 -6.01 17.16 -4.84
CA ARG A 505 -6.18 18.64 -4.78
CA ARG A 505 -6.19 18.65 -4.79
C ARG A 505 -7.53 19.06 -5.38
N ALA A 506 -7.91 18.47 -6.52
CA ALA A 506 -9.16 18.79 -7.23
C ALA A 506 -10.36 18.51 -6.32
N LEU A 507 -10.29 17.40 -5.59
CA LEU A 507 -11.41 16.97 -4.70
C LEU A 507 -11.49 17.87 -3.47
N VAL A 508 -10.34 18.29 -2.94
CA VAL A 508 -10.28 19.23 -1.80
C VAL A 508 -10.95 20.54 -2.22
N LYS A 509 -10.62 21.04 -3.41
CA LYS A 509 -11.14 22.35 -3.89
C LYS A 509 -12.62 22.21 -4.23
N ALA A 510 -13.03 21.07 -4.78
CA ALA A 510 -14.43 20.89 -5.26
C ALA A 510 -15.36 20.66 -4.07
N ARG A 511 -14.94 19.93 -3.06
CA ARG A 511 -15.88 19.46 -2.00
C ARG A 511 -15.58 20.11 -0.63
N GLY A 512 -14.34 20.55 -0.38
CA GLY A 512 -13.98 21.21 0.90
C GLY A 512 -13.89 20.24 2.08
N THR A 513 -13.91 18.93 1.83
CA THR A 513 -13.72 17.88 2.86
C THR A 513 -12.64 16.89 2.38
N ARG A 514 -12.27 15.95 3.23
CA ARG A 514 -11.20 14.97 2.93
C ARG A 514 -11.46 14.26 1.61
N PRO A 515 -10.44 14.21 0.73
CA PRO A 515 -10.59 13.51 -0.55
C PRO A 515 -10.51 11.99 -0.38
N PHE A 516 -11.15 11.28 -1.31
CA PHE A 516 -11.11 9.81 -1.38
C PHE A 516 -10.76 9.41 -2.80
N VAL A 517 -9.49 9.09 -3.02
CA VAL A 517 -8.92 8.72 -4.33
C VAL A 517 -8.44 7.27 -4.22
N ILE A 518 -8.87 6.42 -5.14
CA ILE A 518 -8.38 5.01 -5.25
C ILE A 518 -7.72 4.87 -6.63
N SER A 519 -6.45 4.50 -6.66
CA SER A 519 -5.60 4.54 -7.87
C SER A 519 -5.09 3.15 -8.21
N ARG A 520 -5.02 2.82 -9.51
CA ARG A 520 -4.39 1.56 -9.95
C ARG A 520 -2.87 1.70 -9.89
N SER A 521 -2.32 2.63 -10.64
CA SER A 521 -0.85 2.81 -10.71
C SER A 521 -0.37 3.63 -9.51
N THR A 522 0.77 3.26 -8.96
CA THR A 522 1.35 3.93 -7.77
C THR A 522 2.87 4.06 -7.92
N PHE A 523 3.43 4.89 -7.08
CA PHE A 523 4.89 5.06 -6.82
C PHE A 523 5.08 5.30 -5.32
N ALA A 524 6.32 5.15 -4.84
CA ALA A 524 6.69 5.46 -3.46
C ALA A 524 6.12 6.82 -3.07
N GLY A 525 5.41 6.88 -1.92
CA GLY A 525 4.81 8.09 -1.39
C GLY A 525 3.35 8.26 -1.78
N HIS A 526 2.81 7.33 -2.54
CA HIS A 526 1.41 7.34 -3.01
C HIS A 526 0.45 7.51 -1.83
N GLY A 527 0.73 6.85 -0.71
CA GLY A 527 -0.20 6.76 0.41
C GLY A 527 -0.48 8.08 1.08
N ARG A 528 0.40 9.06 0.87
CA ARG A 528 0.17 10.43 1.35
C ARG A 528 -1.04 11.05 0.65
N TYR A 529 -1.44 10.56 -0.53
CA TYR A 529 -2.50 11.21 -1.34
C TYR A 529 -3.68 10.29 -1.58
N ALA A 530 -3.48 8.97 -1.61
CA ALA A 530 -4.52 8.09 -2.12
C ALA A 530 -4.36 6.65 -1.65
N GLY A 531 -5.37 5.85 -1.98
CA GLY A 531 -5.38 4.41 -1.73
C GLY A 531 -5.14 3.67 -3.03
N HIS A 532 -5.23 2.35 -2.98
CA HIS A 532 -4.88 1.46 -4.10
C HIS A 532 -5.75 0.21 -4.04
N TRP A 533 -6.06 -0.39 -5.19
CA TRP A 533 -6.60 -1.77 -5.21
C TRP A 533 -5.69 -2.57 -6.14
N THR A 534 -5.61 -3.88 -5.96
CA THR A 534 -4.55 -4.71 -6.61
C THR A 534 -4.87 -5.00 -8.08
N GLY A 535 -5.96 -4.50 -8.63
CA GLY A 535 -6.22 -4.54 -10.08
C GLY A 535 -6.98 -5.79 -10.52
N ASP A 536 -6.72 -6.29 -11.72
CA ASP A 536 -7.60 -7.27 -12.43
C ASP A 536 -7.24 -8.68 -11.99
N VAL A 537 -7.50 -9.00 -10.73
CA VAL A 537 -7.23 -10.34 -10.16
C VAL A 537 -8.33 -11.29 -10.69
N TRP A 538 -7.94 -12.51 -10.98
CA TRP A 538 -8.91 -13.60 -11.33
C TRP A 538 -9.72 -14.01 -10.10
N SER A 539 -10.96 -14.43 -10.32
CA SER A 539 -11.79 -15.10 -9.28
C SER A 539 -11.29 -16.52 -9.11
N SER A 540 -10.20 -16.70 -8.39
CA SER A 540 -9.55 -18.00 -8.16
C SER A 540 -9.07 -18.09 -6.71
N TRP A 541 -8.94 -19.31 -6.20
CA TRP A 541 -8.41 -19.55 -4.82
C TRP A 541 -6.98 -19.05 -4.75
N GLU A 542 -6.22 -19.20 -5.83
CA GLU A 542 -4.81 -18.75 -5.89
C GLU A 542 -4.77 -17.23 -5.65
N GLN A 543 -5.63 -16.47 -6.32
CA GLN A 543 -5.60 -14.99 -6.21
C GLN A 543 -6.16 -14.56 -4.85
N LEU A 544 -7.16 -15.26 -4.30
CA LEU A 544 -7.60 -14.96 -2.91
C LEU A 544 -6.38 -15.09 -1.98
N ALA A 545 -5.63 -16.19 -2.09
CA ALA A 545 -4.47 -16.43 -1.20
C ALA A 545 -3.39 -15.36 -1.44
N SER A 546 -3.14 -15.01 -2.70
CA SER A 546 -2.10 -14.02 -3.08
C SER A 546 -2.46 -12.61 -2.60
N SER A 547 -3.74 -12.32 -2.37
CA SER A 547 -4.16 -10.97 -1.92
C SER A 547 -3.61 -10.66 -0.53
N VAL A 548 -3.38 -11.65 0.35
CA VAL A 548 -2.95 -11.33 1.73
C VAL A 548 -1.53 -10.76 1.71
N PRO A 549 -0.54 -11.42 1.09
CA PRO A 549 0.80 -10.84 1.01
C PRO A 549 0.80 -9.48 0.32
N GLU A 550 -0.05 -9.28 -0.69
CA GLU A 550 -0.03 -8.01 -1.45
C GLU A 550 -0.59 -6.88 -0.57
N ILE A 551 -1.66 -7.12 0.17
CA ILE A 551 -2.25 -6.10 1.10
C ILE A 551 -1.21 -5.77 2.18
N LEU A 552 -0.54 -6.78 2.74
CA LEU A 552 0.52 -6.54 3.76
C LEU A 552 1.67 -5.72 3.15
N GLN A 553 2.05 -6.03 1.93
CA GLN A 553 3.20 -5.33 1.30
C GLN A 553 2.88 -3.85 1.16
N PHE A 554 1.69 -3.50 0.66
CA PHE A 554 1.31 -2.09 0.48
C PHE A 554 1.23 -1.38 1.83
N ASN A 555 0.87 -2.06 2.91
CA ASN A 555 0.89 -1.45 4.27
C ASN A 555 2.34 -1.11 4.68
N LEU A 556 3.30 -1.99 4.38
CA LEU A 556 4.73 -1.72 4.66
C LEU A 556 5.21 -0.51 3.83
N LEU A 557 4.60 -0.26 2.68
CA LEU A 557 5.01 0.79 1.72
C LEU A 557 4.25 2.10 1.96
N GLY A 558 3.47 2.16 3.03
CA GLY A 558 2.76 3.39 3.43
C GLY A 558 1.51 3.64 2.61
N VAL A 559 0.91 2.59 2.05
CA VAL A 559 -0.41 2.67 1.37
C VAL A 559 -1.38 1.76 2.12
N PRO A 560 -1.77 2.11 3.35
CA PRO A 560 -2.61 1.22 4.14
C PRO A 560 -4.01 1.08 3.55
N LEU A 561 -4.51 2.10 2.85
CA LEU A 561 -5.85 2.00 2.25
C LEU A 561 -5.73 1.15 0.99
N VAL A 562 -5.73 -0.17 1.16
CA VAL A 562 -5.51 -1.10 0.02
C VAL A 562 -6.43 -2.31 0.19
N GLY A 563 -6.80 -2.91 -0.93
CA GLY A 563 -7.59 -4.15 -0.95
C GLY A 563 -7.56 -4.78 -2.33
N ALA A 564 -8.14 -5.95 -2.46
CA ALA A 564 -8.36 -6.58 -3.77
C ALA A 564 -9.87 -6.55 -4.02
N ASP A 565 -10.26 -6.67 -5.28
CA ASP A 565 -11.68 -6.82 -5.65
C ASP A 565 -12.24 -8.04 -4.92
N VAL A 566 -13.16 -7.83 -3.99
CA VAL A 566 -13.74 -8.96 -3.22
C VAL A 566 -14.53 -9.87 -4.19
N CYS A 567 -14.28 -11.18 -4.11
CA CYS A 567 -14.77 -12.30 -4.97
C CYS A 567 -14.02 -12.37 -6.31
N GLY A 568 -13.06 -11.45 -6.53
CA GLY A 568 -12.24 -11.41 -7.75
C GLY A 568 -12.90 -10.65 -8.88
N PHE A 569 -12.09 -10.13 -9.80
CA PHE A 569 -12.60 -9.29 -10.89
C PHE A 569 -12.85 -10.14 -12.15
N LEU A 570 -11.82 -10.80 -12.67
CA LEU A 570 -11.89 -11.53 -13.96
C LEU A 570 -12.57 -12.88 -13.72
N GLY A 571 -13.25 -13.38 -14.73
CA GLY A 571 -13.83 -14.74 -14.69
C GLY A 571 -15.07 -14.76 -13.83
N ASN A 572 -15.54 -15.96 -13.49
CA ASN A 572 -16.77 -16.14 -12.68
C ASN A 572 -16.36 -16.69 -11.33
N THR A 573 -16.84 -16.08 -10.26
CA THR A 573 -16.61 -16.56 -8.89
C THR A 573 -17.51 -17.77 -8.65
N SER A 574 -17.19 -18.59 -7.67
CA SER A 574 -18.09 -19.63 -7.13
C SER A 574 -18.67 -19.10 -5.83
N GLU A 575 -19.77 -19.69 -5.37
CA GLU A 575 -20.38 -19.28 -4.08
C GLU A 575 -19.39 -19.52 -2.94
N GLU A 576 -18.70 -20.67 -2.92
CA GLU A 576 -17.77 -20.98 -1.83
C GLU A 576 -16.63 -19.96 -1.84
N LEU A 577 -16.09 -19.66 -3.02
CA LEU A 577 -14.94 -18.70 -3.11
C LEU A 577 -15.42 -17.31 -2.60
N CYS A 578 -16.62 -16.91 -3.00
CA CYS A 578 -17.16 -15.58 -2.62
C CYS A 578 -17.41 -15.52 -1.11
N VAL A 579 -17.86 -16.60 -0.45
CA VAL A 579 -17.97 -16.60 1.03
C VAL A 579 -16.59 -16.39 1.66
N ARG A 580 -15.59 -17.16 1.23
CA ARG A 580 -14.24 -17.09 1.82
C ARG A 580 -13.61 -15.72 1.50
N TRP A 581 -13.84 -15.22 0.29
CA TRP A 581 -13.24 -13.93 -0.14
C TRP A 581 -13.91 -12.77 0.63
N THR A 582 -15.21 -12.84 0.91
CA THR A 582 -15.90 -11.80 1.68
C THR A 582 -15.42 -11.85 3.13
N GLN A 583 -15.23 -13.06 3.68
CA GLN A 583 -14.73 -13.18 5.06
C GLN A 583 -13.36 -12.51 5.18
N LEU A 584 -12.43 -12.85 4.28
CA LEU A 584 -11.05 -12.30 4.33
C LEU A 584 -11.10 -10.82 3.96
N GLY A 585 -11.88 -10.50 2.93
CA GLY A 585 -12.00 -9.15 2.35
C GLY A 585 -12.56 -8.14 3.34
N ALA A 586 -13.37 -8.59 4.31
CA ALA A 586 -13.86 -7.77 5.42
C ALA A 586 -12.71 -7.28 6.29
N PHE A 587 -11.51 -7.87 6.15
CA PHE A 587 -10.30 -7.41 6.87
C PHE A 587 -9.33 -6.69 5.93
N TYR A 588 -9.68 -6.48 4.67
CA TYR A 588 -8.91 -5.52 3.84
C TYR A 588 -9.19 -4.11 4.35
N PRO A 589 -8.19 -3.23 4.53
CA PRO A 589 -8.48 -1.87 4.98
C PRO A 589 -9.40 -1.14 4.00
N PHE A 590 -9.26 -1.40 2.71
CA PHE A 590 -10.19 -0.91 1.65
C PHE A 590 -11.00 -2.10 1.14
N MET A 591 -12.32 -2.09 1.37
CA MET A 591 -13.18 -3.26 1.07
C MET A 591 -14.20 -2.90 -0.01
N ARG A 592 -13.94 -3.38 -1.21
CA ARG A 592 -14.81 -3.20 -2.40
C ARG A 592 -14.98 -4.53 -3.11
N ASN A 593 -16.22 -4.88 -3.45
CA ASN A 593 -16.58 -5.97 -4.36
C ASN A 593 -16.75 -5.32 -5.74
N HIS A 594 -15.94 -5.74 -6.71
CA HIS A 594 -15.96 -5.20 -8.09
C HIS A 594 -15.85 -6.39 -9.04
N ASN A 595 -16.39 -6.26 -10.24
CA ASN A 595 -16.70 -7.40 -11.12
C ASN A 595 -16.58 -6.94 -12.56
N SER A 596 -16.09 -7.82 -13.43
CA SER A 596 -15.83 -7.50 -14.86
CA SER A 596 -15.83 -7.50 -14.85
C SER A 596 -17.14 -7.57 -15.65
N LEU A 597 -17.12 -7.00 -16.85
CA LEU A 597 -18.30 -6.84 -17.72
C LEU A 597 -18.93 -8.20 -18.03
N LEU A 598 -18.14 -9.21 -18.37
CA LEU A 598 -18.68 -10.49 -18.89
C LEU A 598 -18.89 -11.49 -17.75
N SER A 599 -18.66 -11.12 -16.50
CA SER A 599 -18.73 -12.05 -15.36
C SER A 599 -20.19 -12.26 -14.89
N LEU A 600 -20.44 -13.40 -14.28
CA LEU A 600 -21.71 -13.66 -13.55
C LEU A 600 -21.78 -12.72 -12.35
N PRO A 601 -22.99 -12.32 -11.92
CA PRO A 601 -23.15 -11.41 -10.79
C PRO A 601 -22.50 -11.99 -9.53
N GLN A 602 -21.99 -11.12 -8.66
CA GLN A 602 -21.36 -11.56 -7.38
C GLN A 602 -21.70 -10.60 -6.23
N GLU A 603 -22.78 -9.84 -6.32
CA GLU A 603 -23.25 -9.03 -5.17
C GLU A 603 -23.68 -10.00 -4.07
N PRO A 604 -23.49 -9.64 -2.79
CA PRO A 604 -23.86 -10.51 -1.67
C PRO A 604 -25.30 -11.08 -1.72
N TYR A 605 -26.26 -10.30 -2.22
CA TYR A 605 -27.69 -10.70 -2.28
C TYR A 605 -27.94 -11.68 -3.43
N SER A 606 -26.94 -11.96 -4.30
CA SER A 606 -27.14 -12.84 -5.49
C SER A 606 -26.86 -14.31 -5.15
N PHE A 607 -26.54 -14.66 -3.90
CA PHE A 607 -26.11 -16.02 -3.50
C PHE A 607 -27.22 -16.73 -2.71
N SER A 608 -27.00 -18.00 -2.37
CA SER A 608 -27.93 -18.82 -1.56
C SER A 608 -28.05 -18.21 -0.16
N GLU A 609 -29.09 -18.61 0.58
CA GLU A 609 -29.41 -18.04 1.91
C GLU A 609 -28.24 -18.28 2.85
N PRO A 610 -27.68 -19.51 2.95
CA PRO A 610 -26.56 -19.75 3.84
C PRO A 610 -25.32 -18.90 3.50
N ALA A 611 -25.05 -18.71 2.20
CA ALA A 611 -23.91 -17.88 1.74
C ALA A 611 -24.17 -16.42 2.15
N GLN A 612 -25.39 -15.95 1.92
CA GLN A 612 -25.83 -14.59 2.35
C GLN A 612 -25.59 -14.40 3.86
N GLN A 613 -26.00 -15.36 4.69
CA GLN A 613 -25.83 -15.25 6.16
C GLN A 613 -24.34 -15.07 6.49
N ALA A 614 -23.46 -15.86 5.87
CA ALA A 614 -22.01 -15.81 6.15
C ALA A 614 -21.44 -14.44 5.72
N MET A 615 -21.86 -13.96 4.56
CA MET A 615 -21.40 -12.66 4.03
C MET A 615 -21.93 -11.49 4.91
N ARG A 616 -23.18 -11.57 5.38
CA ARG A 616 -23.79 -10.57 6.30
C ARG A 616 -23.02 -10.54 7.60
N LYS A 617 -22.64 -11.70 8.14
CA LYS A 617 -21.88 -11.76 9.41
C LYS A 617 -20.52 -11.05 9.23
N ALA A 618 -19.85 -11.28 8.11
CA ALA A 618 -18.52 -10.65 7.82
C ALA A 618 -18.69 -9.13 7.77
N LEU A 619 -19.67 -8.64 7.04
CA LEU A 619 -19.92 -7.19 6.94
C LEU A 619 -20.34 -6.62 8.30
N THR A 620 -21.13 -7.35 9.09
CA THR A 620 -21.60 -6.90 10.43
C THR A 620 -20.40 -6.73 11.34
N LEU A 621 -19.50 -7.70 11.32
CA LEU A 621 -18.29 -7.64 12.17
C LEU A 621 -17.41 -6.47 11.72
N ARG A 622 -17.20 -6.28 10.42
CA ARG A 622 -16.37 -5.13 9.97
C ARG A 622 -17.00 -3.83 10.51
N TYR A 623 -18.30 -3.68 10.37
CA TYR A 623 -18.99 -2.42 10.78
C TYR A 623 -18.85 -2.23 12.29
N ALA A 624 -18.96 -3.29 13.08
CA ALA A 624 -18.78 -3.21 14.54
C ALA A 624 -17.36 -2.71 14.85
N LEU A 625 -16.38 -3.10 14.02
CA LEU A 625 -14.94 -2.82 14.27
C LEU A 625 -14.53 -1.46 13.69
N LEU A 626 -15.41 -0.73 13.00
CA LEU A 626 -15.03 0.52 12.30
C LEU A 626 -14.40 1.55 13.21
N PRO A 627 -14.84 1.78 14.47
CA PRO A 627 -14.16 2.74 15.34
C PRO A 627 -12.69 2.36 15.59
N HIS A 628 -12.42 1.07 15.70
CA HIS A 628 -11.05 0.51 15.88
C HIS A 628 -10.26 0.71 14.58
N LEU A 629 -10.84 0.36 13.44
CA LEU A 629 -10.13 0.48 12.14
C LEU A 629 -9.82 1.96 11.89
N TYR A 630 -10.75 2.86 12.23
CA TYR A 630 -10.53 4.31 12.06
C TYR A 630 -9.38 4.78 12.94
N THR A 631 -9.32 4.29 14.16
CA THR A 631 -8.23 4.64 15.13
C THR A 631 -6.91 4.13 14.55
N LEU A 632 -6.90 2.95 13.91
CA LEU A 632 -5.66 2.39 13.30
C LEU A 632 -5.25 3.33 12.15
N PHE A 633 -6.19 3.84 11.36
CA PHE A 633 -5.84 4.80 10.28
C PHE A 633 -5.28 6.09 10.88
N HIS A 634 -5.83 6.55 12.02
CA HIS A 634 -5.31 7.76 12.71
C HIS A 634 -3.84 7.53 13.07
N GLN A 635 -3.51 6.37 13.62
CA GLN A 635 -2.10 6.03 13.99
C GLN A 635 -1.22 5.97 12.73
N ALA A 636 -1.72 5.47 11.61
CA ALA A 636 -0.96 5.47 10.33
C ALA A 636 -0.68 6.93 9.96
N HIS A 637 -1.71 7.77 10.03
CA HIS A 637 -1.64 9.18 9.56
C HIS A 637 -0.73 10.02 10.47
N VAL A 638 -0.72 9.78 11.78
CA VAL A 638 0.08 10.66 12.71
C VAL A 638 1.44 10.06 13.03
N ALA A 639 1.64 8.75 12.91
CA ALA A 639 2.88 8.12 13.43
C ALA A 639 3.52 7.16 12.42
N GLY A 640 3.01 7.04 11.19
CA GLY A 640 3.61 6.18 10.15
C GLY A 640 3.46 4.70 10.49
N GLU A 641 2.41 4.33 11.21
CA GLU A 641 2.09 2.94 11.56
C GLU A 641 1.45 2.24 10.34
N THR A 642 1.46 0.92 10.37
CA THR A 642 0.72 0.06 9.42
C THR A 642 -0.67 -0.14 9.99
N VAL A 643 -1.65 -0.42 9.13
CA VAL A 643 -3.03 -0.76 9.55
C VAL A 643 -3.12 -2.29 9.51
N ALA A 644 -3.02 -2.89 8.32
CA ALA A 644 -2.90 -4.36 8.19
C ALA A 644 -1.41 -4.68 8.26
N ARG A 645 -0.99 -5.59 9.14
CA ARG A 645 0.47 -5.81 9.31
C ARG A 645 0.79 -7.28 9.43
N PRO A 646 1.96 -7.68 8.90
CA PRO A 646 2.37 -9.07 8.98
C PRO A 646 2.74 -9.40 10.43
N LEU A 647 2.66 -10.67 10.80
CA LEU A 647 3.06 -11.10 12.17
C LEU A 647 4.50 -10.65 12.46
N PHE A 648 5.41 -10.69 11.49
CA PHE A 648 6.85 -10.36 11.77
C PHE A 648 7.01 -8.90 12.17
N LEU A 649 6.09 -7.99 11.78
CA LEU A 649 6.21 -6.57 12.21
C LEU A 649 5.91 -6.46 13.69
N GLU A 650 5.01 -7.31 14.21
CA GLU A 650 4.58 -7.24 15.61
C GLU A 650 5.46 -8.16 16.48
N PHE A 651 5.99 -9.25 15.95
CA PHE A 651 6.79 -10.23 16.73
C PHE A 651 8.08 -10.58 15.99
N PRO A 652 8.93 -9.57 15.69
CA PRO A 652 10.14 -9.81 14.90
C PRO A 652 11.16 -10.76 15.55
N LYS A 653 11.20 -10.82 16.88
CA LYS A 653 12.15 -11.66 17.65
C LYS A 653 11.73 -13.12 17.59
N ASP A 654 10.52 -13.43 17.12
CA ASP A 654 10.07 -14.81 16.86
C ASP A 654 10.27 -15.11 15.37
N SER A 655 11.38 -15.78 15.04
CA SER A 655 11.78 -16.01 13.62
C SER A 655 10.77 -16.92 12.92
N SER A 656 9.95 -17.68 13.65
CA SER A 656 8.86 -18.48 13.05
C SER A 656 7.86 -17.56 12.33
N THR A 657 7.77 -16.29 12.71
CA THR A 657 6.80 -15.37 12.03
C THR A 657 7.33 -14.90 10.68
N TRP A 658 8.64 -15.02 10.40
CA TRP A 658 9.24 -14.27 9.26
C TRP A 658 8.60 -14.66 7.92
N THR A 659 8.18 -15.91 7.73
CA THR A 659 7.64 -16.38 6.43
C THR A 659 6.11 -16.46 6.48
N VAL A 660 5.47 -15.96 7.53
CA VAL A 660 3.98 -16.02 7.59
C VAL A 660 3.39 -14.86 6.77
N ASP A 661 2.61 -15.17 5.75
CA ASP A 661 1.94 -14.14 4.92
C ASP A 661 0.52 -14.55 4.54
N HIS A 662 -0.05 -15.62 5.11
CA HIS A 662 -1.47 -16.01 4.88
C HIS A 662 -2.32 -15.75 6.13
N GLN A 663 -1.72 -15.13 7.14
CA GLN A 663 -2.42 -14.47 8.26
C GLN A 663 -2.06 -12.99 8.24
N LEU A 664 -2.89 -12.18 8.90
CA LEU A 664 -2.62 -10.74 9.07
C LEU A 664 -3.08 -10.29 10.45
N LEU A 665 -2.46 -9.24 10.92
CA LEU A 665 -2.96 -8.46 12.06
C LEU A 665 -3.64 -7.18 11.58
N TRP A 666 -4.67 -6.76 12.29
CA TRP A 666 -5.06 -5.33 12.34
C TRP A 666 -4.36 -4.75 13.55
N GLY A 667 -3.45 -3.82 13.33
CA GLY A 667 -2.66 -3.20 14.39
C GLY A 667 -1.95 -4.26 15.20
N GLU A 668 -1.87 -4.04 16.51
CA GLU A 668 -1.10 -4.92 17.43
C GLU A 668 -1.92 -6.14 17.83
N ALA A 669 -3.24 -6.10 17.76
CA ALA A 669 -4.07 -6.95 18.66
C ALA A 669 -5.00 -7.92 17.95
N LEU A 670 -5.35 -7.74 16.67
CA LEU A 670 -6.39 -8.62 16.07
C LEU A 670 -5.73 -9.50 15.03
N LEU A 671 -5.74 -10.81 15.28
CA LEU A 671 -5.11 -11.81 14.40
C LEU A 671 -6.20 -12.48 13.58
N ILE A 672 -6.09 -12.38 12.26
CA ILE A 672 -7.06 -12.96 11.30
C ILE A 672 -6.39 -14.12 10.57
N THR A 673 -7.02 -15.29 10.65
CA THR A 673 -6.49 -16.55 10.09
C THR A 673 -7.51 -17.11 9.11
N PRO A 674 -7.50 -16.68 7.84
CA PRO A 674 -8.54 -17.05 6.91
C PRO A 674 -8.31 -18.44 6.32
N VAL A 675 -9.42 -19.08 5.97
CA VAL A 675 -9.40 -20.21 4.99
C VAL A 675 -9.22 -19.63 3.59
N LEU A 676 -8.26 -20.17 2.85
CA LEU A 676 -7.85 -19.65 1.53
C LEU A 676 -7.85 -20.77 0.49
N GLN A 677 -8.54 -21.86 0.77
CA GLN A 677 -8.60 -23.03 -0.14
C GLN A 677 -10.01 -23.61 -0.16
N ALA A 678 -10.42 -24.19 -1.29
CA ALA A 678 -11.74 -24.84 -1.44
C ALA A 678 -11.81 -26.09 -0.54
N GLY A 679 -12.99 -26.39 -0.01
CA GLY A 679 -13.31 -27.68 0.64
C GLY A 679 -12.72 -27.81 2.03
N LYS A 680 -12.24 -26.73 2.64
CA LYS A 680 -11.60 -26.77 3.98
C LYS A 680 -12.61 -26.40 5.06
N ALA A 681 -12.59 -27.12 6.19
CA ALA A 681 -13.44 -26.85 7.37
C ALA A 681 -12.51 -26.61 8.57
N GLU A 682 -11.24 -26.40 8.30
CA GLU A 682 -10.25 -26.03 9.34
C GLU A 682 -9.10 -25.28 8.65
N VAL A 683 -8.29 -24.65 9.46
CA VAL A 683 -7.12 -23.86 9.01
C VAL A 683 -6.08 -23.97 10.11
N THR A 684 -4.82 -24.03 9.70
CA THR A 684 -3.68 -24.06 10.63
C THR A 684 -2.96 -22.71 10.52
N GLY A 685 -2.82 -22.01 11.63
CA GLY A 685 -2.19 -20.69 11.64
C GLY A 685 -1.19 -20.60 12.75
N TYR A 686 -0.26 -19.66 12.63
CA TYR A 686 0.78 -19.45 13.66
C TYR A 686 0.25 -18.50 14.73
N PHE A 687 0.41 -18.90 15.99
CA PHE A 687 0.06 -18.05 17.16
C PHE A 687 1.31 -17.72 17.92
N PRO A 688 1.73 -16.43 17.90
CA PRO A 688 2.88 -16.02 18.71
C PRO A 688 2.62 -16.24 20.21
N LEU A 689 3.70 -16.26 20.99
CA LEU A 689 3.66 -16.50 22.44
C LEU A 689 2.67 -15.52 23.08
N GLY A 690 1.72 -16.04 23.86
CA GLY A 690 0.71 -15.24 24.55
C GLY A 690 -0.66 -15.90 24.48
N THR A 691 -1.66 -15.22 25.02
CA THR A 691 -3.05 -15.70 25.06
C THR A 691 -3.82 -14.98 23.96
N TRP A 692 -4.57 -15.73 23.16
CA TRP A 692 -5.38 -15.20 22.04
C TRP A 692 -6.82 -15.61 22.25
N TYR A 693 -7.69 -14.64 22.51
CA TYR A 693 -9.13 -14.90 22.77
C TYR A 693 -9.88 -14.99 21.45
N ASP A 694 -10.77 -15.98 21.36
CA ASP A 694 -11.67 -16.13 20.19
C ASP A 694 -12.64 -14.94 20.21
N LEU A 695 -12.66 -14.15 19.13
CA LEU A 695 -13.54 -12.97 19.06
C LEU A 695 -15.01 -13.42 19.05
N GLN A 696 -15.30 -14.68 18.69
CA GLN A 696 -16.69 -15.24 18.75
C GLN A 696 -17.26 -15.15 20.18
N THR A 697 -16.43 -15.02 21.20
CA THR A 697 -16.88 -14.89 22.62
C THR A 697 -17.31 -13.45 22.95
N VAL A 698 -17.10 -12.49 22.04
CA VAL A 698 -17.60 -11.10 22.23
C VAL A 698 -18.97 -10.96 21.56
N PRO A 699 -20.04 -10.60 22.30
CA PRO A 699 -21.36 -10.39 21.69
C PRO A 699 -21.40 -9.19 20.72
N ILE A 700 -21.90 -9.42 19.50
CA ILE A 700 -22.05 -8.37 18.45
C ILE A 700 -23.47 -8.48 17.85
N GLU A 701 -24.09 -7.33 17.56
CA GLU A 701 -25.45 -7.19 16.95
C GLU A 701 -25.33 -6.91 15.45
N ARG A 714 -14.92 -25.36 19.90
CA ARG A 714 -14.14 -24.10 19.73
C ARG A 714 -13.62 -23.60 21.08
N GLU A 715 -12.30 -23.45 21.19
CA GLU A 715 -11.57 -23.00 22.40
C GLU A 715 -11.81 -21.49 22.60
N PRO A 716 -12.28 -21.03 23.78
CA PRO A 716 -12.47 -19.60 24.04
C PRO A 716 -11.16 -18.79 24.04
N ALA A 717 -10.05 -19.42 24.42
CA ALA A 717 -8.71 -18.77 24.47
C ALA A 717 -7.65 -19.78 24.01
N ILE A 718 -6.78 -19.36 23.11
CA ILE A 718 -5.60 -20.17 22.71
C ILE A 718 -4.45 -19.72 23.61
N HIS A 719 -3.85 -20.63 24.37
CA HIS A 719 -2.67 -20.32 25.22
C HIS A 719 -1.43 -20.79 24.47
N SER A 720 -0.72 -19.88 23.80
CA SER A 720 0.34 -20.27 22.85
C SER A 720 1.71 -20.01 23.47
N GLU A 721 2.65 -20.93 23.21
CA GLU A 721 4.10 -20.77 23.53
C GLU A 721 4.84 -20.28 22.28
N GLY A 722 4.10 -19.92 21.23
CA GLY A 722 4.65 -19.66 19.88
C GLY A 722 4.64 -20.91 19.06
N GLN A 723 3.52 -21.18 18.39
CA GLN A 723 3.29 -22.50 17.77
C GLN A 723 2.19 -22.39 16.74
N TRP A 724 2.13 -23.39 15.87
CA TRP A 724 1.06 -23.61 14.89
C TRP A 724 -0.11 -24.29 15.59
N VAL A 725 -1.33 -23.83 15.31
CA VAL A 725 -2.57 -24.33 15.94
C VAL A 725 -3.56 -24.57 14.80
N THR A 726 -4.18 -25.74 14.79
CA THR A 726 -5.27 -26.06 13.83
C THR A 726 -6.58 -25.59 14.45
N LEU A 727 -7.34 -24.78 13.71
CA LEU A 727 -8.60 -24.15 14.19
C LEU A 727 -9.75 -24.72 13.39
N PRO A 728 -10.92 -24.96 14.03
CA PRO A 728 -12.13 -25.27 13.28
C PRO A 728 -12.47 -24.05 12.41
N ALA A 729 -12.85 -24.25 11.16
CA ALA A 729 -13.12 -23.16 10.19
C ALA A 729 -14.15 -23.62 9.20
N PRO A 730 -15.41 -23.88 9.65
CA PRO A 730 -16.49 -24.21 8.72
C PRO A 730 -16.79 -23.03 7.79
N LEU A 731 -17.55 -23.28 6.73
CA LEU A 731 -17.86 -22.29 5.67
C LEU A 731 -18.35 -20.98 6.29
N ASP A 732 -19.11 -21.02 7.38
CA ASP A 732 -19.73 -19.81 7.96
C ASP A 732 -18.78 -19.07 8.90
N THR A 733 -17.52 -19.49 9.00
CA THR A 733 -16.58 -18.98 10.03
C THR A 733 -15.30 -18.42 9.39
N ILE A 734 -14.85 -17.29 9.92
CA ILE A 734 -13.42 -16.88 9.75
C ILE A 734 -12.84 -16.71 11.15
N ASN A 735 -11.66 -17.29 11.37
CA ASN A 735 -10.97 -17.21 12.67
C ASN A 735 -10.41 -15.81 12.92
N VAL A 736 -10.81 -15.20 14.03
CA VAL A 736 -10.33 -13.86 14.44
C VAL A 736 -10.05 -13.96 15.94
N HIS A 737 -8.85 -13.61 16.38
CA HIS A 737 -8.47 -13.72 17.81
C HIS A 737 -7.98 -12.38 18.28
N LEU A 738 -8.28 -12.04 19.53
CA LEU A 738 -7.87 -10.79 20.19
C LEU A 738 -6.73 -11.09 21.15
N ARG A 739 -5.61 -10.40 20.97
CA ARG A 739 -4.40 -10.53 21.81
C ARG A 739 -4.69 -10.07 23.24
N ALA A 740 -4.31 -10.87 24.23
CA ALA A 740 -4.41 -10.50 25.66
C ALA A 740 -3.57 -9.25 25.90
N GLY A 741 -4.15 -8.30 26.64
CA GLY A 741 -3.54 -7.03 27.04
C GLY A 741 -4.06 -5.87 26.19
N TYR A 742 -5.08 -6.09 25.40
CA TYR A 742 -5.62 -5.06 24.47
C TYR A 742 -7.12 -4.87 24.69
N ILE A 743 -7.56 -3.63 24.45
CA ILE A 743 -8.97 -3.18 24.53
C ILE A 743 -9.31 -2.58 23.17
N ILE A 744 -10.39 -3.05 22.57
N ILE A 744 -10.41 -3.04 22.60
CA ILE A 744 -10.83 -2.52 21.26
CA ILE A 744 -10.90 -2.62 21.26
C ILE A 744 -12.22 -1.92 21.40
C ILE A 744 -12.24 -1.90 21.44
N PRO A 745 -12.42 -0.69 20.86
CA PRO A 745 -13.73 -0.05 20.83
C PRO A 745 -14.54 -0.61 19.67
N LEU A 746 -15.83 -0.81 19.91
CA LEU A 746 -16.81 -1.29 18.92
C LEU A 746 -17.99 -0.31 18.89
N GLN A 747 -18.76 -0.35 17.81
CA GLN A 747 -19.99 0.47 17.72
C GLN A 747 -21.11 -0.41 17.17
N GLY A 748 -22.34 -0.04 17.49
CA GLY A 748 -23.56 -0.75 17.11
C GLY A 748 -23.76 -0.69 15.61
N PRO A 749 -24.75 -1.48 15.14
CA PRO A 749 -24.91 -1.75 13.72
C PRO A 749 -25.58 -0.63 12.94
N GLY A 750 -25.46 -0.74 11.62
CA GLY A 750 -26.09 0.17 10.65
C GLY A 750 -25.91 -0.40 9.25
N LEU A 751 -26.73 -0.01 8.31
CA LEU A 751 -26.50 -0.35 6.90
C LEU A 751 -25.54 0.68 6.28
N THR A 752 -25.28 1.78 6.96
CA THR A 752 -24.29 2.81 6.51
C THR A 752 -23.50 3.27 7.72
N THR A 753 -22.36 3.95 7.51
CA THR A 753 -21.65 4.62 8.63
C THR A 753 -22.45 5.82 9.12
N THR A 754 -23.31 6.41 8.29
CA THR A 754 -24.18 7.53 8.74
C THR A 754 -25.05 7.01 9.90
N GLU A 755 -25.61 5.81 9.76
CA GLU A 755 -26.42 5.16 10.81
C GLU A 755 -25.52 4.65 11.95
N SER A 756 -24.43 3.93 11.65
CA SER A 756 -23.65 3.21 12.68
C SER A 756 -22.99 4.23 13.63
N ARG A 757 -22.55 5.39 13.13
CA ARG A 757 -21.83 6.40 13.93
C ARG A 757 -22.76 7.01 15.00
N GLN A 758 -24.06 6.83 14.89
CA GLN A 758 -25.06 7.36 15.86
C GLN A 758 -25.33 6.33 16.96
N GLN A 759 -24.80 5.10 16.84
CA GLN A 759 -25.13 3.97 17.74
C GLN A 759 -24.27 4.05 19.00
N PRO A 760 -24.72 3.43 20.11
CA PRO A 760 -23.90 3.30 21.30
C PRO A 760 -22.67 2.43 21.00
N MET A 761 -21.63 2.66 21.77
CA MET A 761 -20.35 1.94 21.67
C MET A 761 -20.24 0.88 22.76
N ALA A 762 -19.26 0.00 22.59
CA ALA A 762 -18.91 -1.10 23.50
C ALA A 762 -17.39 -1.21 23.55
N LEU A 763 -16.87 -1.82 24.61
CA LEU A 763 -15.44 -2.19 24.72
C LEU A 763 -15.33 -3.71 24.77
N ALA A 764 -14.33 -4.27 24.06
CA ALA A 764 -13.85 -5.65 24.28
C ALA A 764 -12.51 -5.57 24.98
N VAL A 765 -12.45 -6.08 26.20
CA VAL A 765 -11.29 -5.95 27.11
C VAL A 765 -10.66 -7.33 27.29
N ALA A 766 -9.50 -7.56 26.68
CA ALA A 766 -8.79 -8.86 26.66
C ALA A 766 -7.73 -8.81 27.75
N LEU A 767 -8.01 -9.42 28.90
CA LEU A 767 -7.09 -9.30 30.07
C LEU A 767 -5.89 -10.22 29.86
N THR A 768 -4.72 -9.75 30.28
CA THR A 768 -3.54 -10.62 30.50
C THR A 768 -3.84 -11.50 31.72
N LYS A 769 -3.01 -12.51 31.94
CA LYS A 769 -3.04 -13.36 33.17
C LYS A 769 -3.04 -12.44 34.38
N GLY A 770 -2.20 -11.40 34.40
CA GLY A 770 -2.07 -10.41 35.49
C GLY A 770 -3.21 -9.38 35.54
N GLY A 771 -4.22 -9.49 34.68
CA GLY A 771 -5.42 -8.62 34.74
C GLY A 771 -5.21 -7.25 34.10
N GLU A 772 -4.28 -7.11 33.16
CA GLU A 772 -3.94 -5.80 32.57
C GLU A 772 -4.48 -5.74 31.14
N ALA A 773 -4.84 -4.55 30.68
CA ALA A 773 -5.18 -4.32 29.26
C ALA A 773 -5.17 -2.83 28.97
N ARG A 774 -4.91 -2.50 27.70
CA ARG A 774 -4.85 -1.09 27.23
CA ARG A 774 -4.84 -1.09 27.23
C ARG A 774 -5.38 -0.98 25.81
N GLY A 775 -6.06 0.12 25.53
CA GLY A 775 -6.53 0.43 24.17
C GLY A 775 -6.83 1.91 24.03
N GLU A 776 -7.34 2.28 22.87
CA GLU A 776 -7.60 3.70 22.61
C GLU A 776 -8.71 3.86 21.58
N LEU A 777 -9.26 5.07 21.58
CA LEU A 777 -10.25 5.49 20.58
C LEU A 777 -9.89 6.89 20.09
N PHE A 778 -9.87 7.08 18.78
CA PHE A 778 -9.75 8.40 18.14
C PHE A 778 -11.11 8.68 17.49
N TRP A 779 -11.69 9.85 17.75
CA TRP A 779 -13.00 10.20 17.14
C TRP A 779 -12.96 11.65 16.63
N ASP A 780 -13.46 11.87 15.43
CA ASP A 780 -13.68 13.23 14.88
C ASP A 780 -14.98 13.20 14.08
N ASP A 781 -15.22 14.21 13.24
CA ASP A 781 -16.51 14.31 12.51
C ASP A 781 -16.50 13.36 11.30
N GLY A 782 -15.38 12.68 11.04
CA GLY A 782 -15.29 11.65 9.99
C GLY A 782 -15.00 12.17 8.59
N GLU A 783 -14.94 13.50 8.35
CA GLU A 783 -14.70 13.96 6.94
C GLU A 783 -13.99 15.31 6.84
N SER A 784 -13.91 16.12 7.90
CA SER A 784 -13.33 17.49 7.79
C SER A 784 -11.82 17.43 7.55
N LEU A 785 -11.33 18.48 6.90
CA LEU A 785 -9.88 18.73 6.71
C LEU A 785 -9.31 19.37 7.98
N GLU A 786 -8.01 19.15 8.20
CA GLU A 786 -7.15 19.84 9.20
C GLU A 786 -7.68 19.59 10.61
N VAL A 787 -8.23 18.41 10.86
CA VAL A 787 -8.79 18.04 12.19
C VAL A 787 -7.72 18.12 13.26
N LEU A 788 -6.55 17.54 13.01
CA LEU A 788 -5.49 17.42 14.06
C LEU A 788 -4.91 18.81 14.31
N GLU A 789 -4.67 19.58 13.25
CA GLU A 789 -4.16 20.97 13.36
C GLU A 789 -5.14 21.82 14.19
N ARG A 790 -6.46 21.68 13.99
CA ARG A 790 -7.49 22.51 14.65
C ARG A 790 -7.86 21.94 16.03
N GLY A 791 -7.44 20.73 16.36
CA GLY A 791 -7.79 20.02 17.61
C GLY A 791 -9.25 19.56 17.65
N ALA A 792 -9.90 19.30 16.49
CA ALA A 792 -11.36 19.03 16.41
C ALA A 792 -11.61 17.53 16.51
N TYR A 793 -11.16 16.92 17.61
CA TYR A 793 -11.24 15.47 17.81
C TYR A 793 -11.24 15.17 19.30
N THR A 794 -11.65 13.96 19.61
CA THR A 794 -11.62 13.34 20.95
C THR A 794 -10.66 12.16 20.87
N GLN A 795 -9.84 11.99 21.90
CA GLN A 795 -8.88 10.88 21.99
C GLN A 795 -8.93 10.36 23.42
N VAL A 796 -9.23 9.09 23.58
CA VAL A 796 -9.44 8.47 24.89
C VAL A 796 -8.61 7.20 24.95
N ILE A 797 -7.97 6.94 26.10
CA ILE A 797 -7.25 5.68 26.40
C ILE A 797 -8.10 4.90 27.41
N PHE A 798 -8.17 3.59 27.24
CA PHE A 798 -8.85 2.65 28.16
C PHE A 798 -7.77 1.82 28.84
N LEU A 799 -7.88 1.63 30.16
CA LEU A 799 -6.90 0.86 30.97
C LEU A 799 -7.67 -0.10 31.88
N ALA A 800 -7.35 -1.40 31.80
CA ALA A 800 -7.80 -2.44 32.76
C ALA A 800 -6.62 -2.77 33.68
N ARG A 801 -6.89 -2.84 34.98
CA ARG A 801 -5.89 -3.11 36.05
C ARG A 801 -6.65 -3.49 37.32
N ASN A 802 -6.26 -4.57 37.97
CA ASN A 802 -6.74 -4.92 39.34
C ASN A 802 -8.28 -4.88 39.36
N ASN A 803 -8.94 -5.53 38.39
CA ASN A 803 -10.40 -5.74 38.35
C ASN A 803 -11.11 -4.38 38.20
N THR A 804 -10.45 -3.43 37.52
CA THR A 804 -11.05 -2.12 37.18
C THR A 804 -10.79 -1.82 35.69
N ILE A 805 -11.71 -1.08 35.10
CA ILE A 805 -11.58 -0.45 33.75
C ILE A 805 -11.87 1.04 33.90
N VAL A 806 -10.96 1.87 33.42
CA VAL A 806 -11.06 3.35 33.44
C VAL A 806 -10.76 3.87 32.04
N ASN A 807 -11.20 5.09 31.79
CA ASN A 807 -10.79 5.89 30.63
C ASN A 807 -9.88 7.02 31.12
N GLU A 808 -8.94 7.40 30.28
CA GLU A 808 -8.01 8.53 30.45
C GLU A 808 -8.29 9.48 29.29
N LEU A 809 -8.67 10.71 29.62
CA LEU A 809 -9.12 11.69 28.61
C LEU A 809 -7.90 12.44 28.09
N VAL A 810 -7.40 12.05 26.93
CA VAL A 810 -6.24 12.75 26.30
C VAL A 810 -6.77 14.06 25.72
N ARG A 811 -7.89 14.03 25.02
CA ARG A 811 -8.50 15.25 24.45
C ARG A 811 -9.99 14.99 24.32
N VAL A 812 -10.79 15.95 24.77
CA VAL A 812 -12.26 15.86 24.65
C VAL A 812 -12.75 17.18 24.02
N THR A 813 -13.48 17.07 22.91
CA THR A 813 -14.11 18.23 22.25
C THR A 813 -15.54 17.82 21.89
N SER A 814 -16.29 18.74 21.27
CA SER A 814 -17.71 18.54 20.90
C SER A 814 -17.85 17.27 20.05
N GLU A 815 -16.92 17.05 19.13
CA GLU A 815 -16.89 15.80 18.31
C GLU A 815 -16.39 14.68 19.21
N GLY A 816 -17.31 13.87 19.74
CA GLY A 816 -16.98 12.70 20.58
C GLY A 816 -17.44 12.83 22.01
N ALA A 817 -17.79 14.02 22.49
CA ALA A 817 -18.17 14.24 23.90
C ALA A 817 -19.34 13.31 24.27
N GLY A 818 -20.38 13.29 23.44
CA GLY A 818 -21.65 12.55 23.66
C GLY A 818 -21.64 11.12 23.18
N LEU A 819 -20.48 10.51 22.94
CA LEU A 819 -20.41 9.07 22.58
C LEU A 819 -20.87 8.26 23.79
N GLN A 820 -21.87 7.41 23.59
CA GLN A 820 -22.47 6.55 24.65
C GLN A 820 -21.70 5.22 24.70
N LEU A 821 -21.26 4.83 25.90
CA LEU A 821 -20.69 3.49 26.14
C LEU A 821 -21.76 2.68 26.86
N GLN A 822 -22.29 1.62 26.25
CA GLN A 822 -23.42 0.88 26.87
CA GLN A 822 -23.45 0.87 26.81
C GLN A 822 -23.06 -0.57 27.21
N LYS A 823 -21.90 -1.06 26.78
CA LYS A 823 -21.55 -2.48 27.05
C LYS A 823 -20.04 -2.63 27.21
N VAL A 824 -19.62 -3.41 28.19
CA VAL A 824 -18.20 -3.72 28.43
C VAL A 824 -18.09 -5.24 28.55
N THR A 825 -17.38 -5.85 27.62
CA THR A 825 -17.15 -7.32 27.63
C THR A 825 -15.71 -7.57 28.05
N VAL A 826 -15.51 -8.34 29.11
CA VAL A 826 -14.16 -8.60 29.68
C VAL A 826 -13.84 -10.08 29.44
N LEU A 827 -12.74 -10.35 28.74
CA LEU A 827 -12.29 -11.71 28.40
C LEU A 827 -11.19 -12.13 29.37
N GLY A 828 -11.19 -13.40 29.79
CA GLY A 828 -10.15 -13.91 30.72
C GLY A 828 -10.47 -13.63 32.18
N VAL A 829 -11.74 -13.55 32.57
CA VAL A 829 -12.14 -13.37 34.00
C VAL A 829 -12.30 -14.78 34.58
N ALA A 830 -11.39 -15.19 35.45
CA ALA A 830 -11.19 -16.59 35.91
C ALA A 830 -12.37 -17.05 36.80
N THR A 831 -12.87 -16.18 37.68
CA THR A 831 -13.97 -16.55 38.62
C THR A 831 -15.14 -15.57 38.49
N ALA A 832 -16.36 -16.11 38.61
CA ALA A 832 -17.62 -15.33 38.59
C ALA A 832 -17.51 -14.23 39.65
N PRO A 833 -17.75 -12.95 39.29
CA PRO A 833 -17.78 -11.89 40.30
C PRO A 833 -19.08 -11.98 41.12
N GLN A 834 -19.04 -11.53 42.36
CA GLN A 834 -20.27 -11.42 43.18
C GLN A 834 -20.91 -10.05 42.99
N GLN A 835 -20.11 -9.04 42.65
CA GLN A 835 -20.67 -7.69 42.34
C GLN A 835 -19.90 -7.03 41.21
N VAL A 836 -20.62 -6.29 40.38
CA VAL A 836 -20.06 -5.43 39.30
C VAL A 836 -20.60 -4.01 39.51
N LEU A 837 -19.70 -3.04 39.63
CA LEU A 837 -20.02 -1.61 39.89
C LEU A 837 -19.65 -0.78 38.66
N SER A 838 -20.48 0.21 38.39
CA SER A 838 -20.20 1.32 37.44
C SER A 838 -20.25 2.63 38.24
N ASN A 839 -19.12 3.32 38.36
CA ASN A 839 -18.96 4.53 39.19
C ASN A 839 -19.50 4.27 40.61
N GLY A 840 -19.24 3.09 41.17
CA GLY A 840 -19.50 2.79 42.60
C GLY A 840 -20.89 2.25 42.83
N VAL A 841 -21.70 2.11 41.78
CA VAL A 841 -23.08 1.62 41.92
C VAL A 841 -23.25 0.31 41.20
N PRO A 842 -23.95 -0.68 41.81
CA PRO A 842 -24.18 -1.96 41.17
C PRO A 842 -24.83 -1.73 39.79
N VAL A 843 -24.32 -2.39 38.76
CA VAL A 843 -24.82 -2.20 37.38
C VAL A 843 -26.22 -2.81 37.29
N SER A 844 -27.02 -2.37 36.32
CA SER A 844 -28.40 -2.85 36.07
C SER A 844 -28.37 -4.34 35.76
N ASN A 845 -27.37 -4.80 35.00
CA ASN A 845 -27.32 -6.20 34.49
C ASN A 845 -25.89 -6.57 34.07
N PHE A 846 -25.48 -7.79 34.38
CA PHE A 846 -24.23 -8.39 33.88
C PHE A 846 -24.44 -9.89 33.76
N THR A 847 -23.69 -10.55 32.89
CA THR A 847 -23.69 -12.03 32.79
C THR A 847 -22.24 -12.51 32.84
N TYR A 848 -22.01 -13.64 33.48
CA TYR A 848 -20.71 -14.33 33.50
C TYR A 848 -20.90 -15.74 32.97
N SER A 849 -20.05 -16.16 32.04
CA SER A 849 -20.06 -17.54 31.48
C SER A 849 -18.85 -18.28 32.03
N PRO A 850 -19.03 -19.28 32.93
CA PRO A 850 -17.91 -20.05 33.49
C PRO A 850 -17.10 -20.83 32.45
N ASP A 851 -17.79 -21.31 31.41
CA ASP A 851 -17.19 -22.10 30.29
C ASP A 851 -16.20 -21.22 29.52
N THR A 852 -16.52 -19.97 29.20
CA THR A 852 -15.73 -19.10 28.28
C THR A 852 -14.91 -18.05 29.04
N LYS A 853 -15.17 -17.88 30.35
CA LYS A 853 -14.49 -16.90 31.25
CA LYS A 853 -14.50 -16.89 31.24
C LYS A 853 -14.78 -15.47 30.75
N VAL A 854 -15.97 -15.23 30.23
CA VAL A 854 -16.36 -13.90 29.69
C VAL A 854 -17.32 -13.23 30.68
N LEU A 855 -17.01 -12.00 31.07
CA LEU A 855 -17.89 -11.13 31.87
C LEU A 855 -18.49 -10.06 30.96
N ASP A 856 -19.80 -10.06 30.78
CA ASP A 856 -20.52 -9.11 29.89
C ASP A 856 -21.30 -8.12 30.78
N ILE A 857 -21.03 -6.82 30.66
CA ILE A 857 -21.54 -5.78 31.60
C ILE A 857 -22.35 -4.75 30.84
N CSO A 858 -23.60 -4.51 31.28
CA CSO A 858 -24.40 -3.39 30.81
CB CSO A 858 -25.88 -3.68 30.89
SG CSO A 858 -26.42 -5.05 29.85
C CSO A 858 -24.08 -2.14 31.61
O CSO A 858 -24.08 -2.16 32.84
OD CSO A 858 -25.99 -4.67 28.28
N VAL A 859 -23.79 -1.02 30.90
CA VAL A 859 -23.46 0.23 31.54
C VAL A 859 -24.14 1.40 30.79
N SER A 860 -24.09 2.58 31.41
CA SER A 860 -24.66 3.84 30.88
CA SER A 860 -24.65 3.84 30.85
C SER A 860 -23.64 4.98 31.05
N LEU A 861 -22.59 4.97 30.23
CA LEU A 861 -21.44 5.88 30.40
C LEU A 861 -21.20 6.67 29.13
N LEU A 862 -20.29 7.63 29.22
CA LEU A 862 -19.93 8.56 28.13
C LEU A 862 -18.43 8.44 27.93
N MET A 863 -18.01 8.28 26.66
CA MET A 863 -16.58 8.08 26.35
C MET A 863 -15.78 9.28 26.88
N GLY A 864 -16.41 10.45 26.88
CA GLY A 864 -15.79 11.77 27.16
C GLY A 864 -15.80 12.16 28.64
N GLU A 865 -16.33 11.32 29.55
CA GLU A 865 -16.37 11.63 31.00
C GLU A 865 -15.73 10.47 31.76
N GLN A 866 -14.85 10.79 32.71
CA GLN A 866 -14.09 9.75 33.44
C GLN A 866 -15.07 8.80 34.11
N PHE A 867 -14.84 7.50 33.98
CA PHE A 867 -15.66 6.44 34.61
C PHE A 867 -14.69 5.45 35.27
N LEU A 868 -15.26 4.61 36.13
CA LEU A 868 -14.57 3.48 36.80
C LEU A 868 -15.56 2.32 36.86
N VAL A 869 -15.28 1.26 36.11
CA VAL A 869 -16.06 -0.01 36.18
C VAL A 869 -15.22 -0.98 37.00
N SER A 870 -15.82 -1.72 37.93
CA SER A 870 -15.05 -2.64 38.82
C SER A 870 -15.86 -3.90 39.08
N TRP A 871 -15.19 -5.00 39.41
CA TRP A 871 -15.87 -6.27 39.74
C TRP A 871 -15.05 -6.99 40.81
N CYS A 872 -15.68 -7.89 41.54
CA CYS A 872 -15.00 -8.80 42.52
C CYS A 872 -15.95 -9.94 42.90
C1 NAG B . 41.88 16.24 -5.42
C2 NAG B . 41.66 16.41 -6.90
C3 NAG B . 42.95 16.92 -7.53
C4 NAG B . 43.39 18.23 -6.89
C5 NAG B . 43.39 18.11 -5.36
C6 NAG B . 43.63 19.46 -4.69
C7 NAG B . 40.39 14.86 -8.24
C8 NAG B . 40.38 13.49 -8.82
N2 NAG B . 41.42 15.12 -7.47
O3 NAG B . 42.77 17.07 -8.94
O4 NAG B . 44.75 18.47 -7.32
O5 NAG B . 42.13 17.56 -4.90
O6 NAG B . 42.61 20.41 -5.04
O7 NAG B . 39.52 15.69 -8.48
C1 NAG B . 44.89 19.81 -7.83
C2 NAG B . 46.37 20.25 -7.72
C3 NAG B . 46.55 21.63 -8.38
C4 NAG B . 45.95 21.66 -9.80
C5 NAG B . 44.48 21.23 -9.71
C6 NAG B . 43.73 21.27 -11.04
C7 NAG B . 47.54 19.37 -5.73
C8 NAG B . 47.95 19.67 -4.31
N2 NAG B . 46.81 20.32 -6.33
O3 NAG B . 47.95 21.99 -8.39
O4 NAG B . 46.08 22.98 -10.38
O5 NAG B . 44.45 19.89 -9.19
O6 NAG B . 44.15 20.14 -11.82
O7 NAG B . 47.86 18.35 -6.31
C1 FUC B . 42.78 21.63 -4.27
C2 FUC B . 42.12 22.79 -5.00
C3 FUC B . 40.59 22.66 -4.89
C4 FUC B . 40.06 22.49 -3.46
C5 FUC B . 40.87 21.41 -2.71
C6 FUC B . 40.52 21.42 -1.21
O2 FUC B . 42.54 22.79 -6.38
O3 FUC B . 39.98 23.81 -5.47
O4 FUC B . 40.03 23.73 -2.72
O5 FUC B . 42.28 21.56 -2.91
C1 NAG C . 32.64 -5.54 1.85
C2 NAG C . 33.34 -6.26 3.00
C3 NAG C . 34.78 -6.58 2.64
C4 NAG C . 34.91 -7.19 1.27
C5 NAG C . 34.07 -6.39 0.24
C6 NAG C . 34.16 -7.08 -1.10
C7 NAG C . 32.90 -5.79 5.34
C8 NAG C . 33.13 -4.89 6.50
N2 NAG C . 33.44 -5.43 4.18
O3 NAG C . 35.32 -7.45 3.68
O4 NAG C . 36.31 -7.08 0.89
O5 NAG C . 32.71 -6.35 0.70
O6 NAG C . 33.50 -8.32 -1.00
O7 NAG C . 32.25 -6.79 5.42
C1 NAG C . 36.91 -8.31 0.56
C2 NAG C . 38.27 -7.94 -0.03
C3 NAG C . 39.20 -9.15 -0.21
C4 NAG C . 39.16 -10.09 1.00
C5 NAG C . 37.69 -10.42 1.24
C6 NAG C . 37.43 -11.52 2.26
C7 NAG C . 38.26 -5.95 -1.40
C8 NAG C . 37.83 -5.36 -2.69
N2 NAG C . 38.00 -7.24 -1.28
O3 NAG C . 40.53 -8.66 -0.41
O4 NAG C . 39.99 -11.27 0.83
O5 NAG C . 37.08 -9.19 1.68
O6 NAG C . 37.86 -11.04 3.53
O7 NAG C . 38.79 -5.31 -0.50
C1 NAG D . 2.69 14.29 -33.32
C2 NAG D . 3.02 13.46 -34.57
C3 NAG D . 2.10 13.78 -35.78
C4 NAG D . 0.66 13.70 -35.32
C5 NAG D . 0.45 14.58 -34.07
C6 NAG D . -0.97 14.55 -33.58
C7 NAG D . 5.26 12.55 -34.85
C8 NAG D . 6.65 12.80 -35.38
N2 NAG D . 4.41 13.57 -34.94
O3 NAG D . 2.42 12.84 -36.80
O4 NAG D . -0.29 14.20 -36.29
O5 NAG D . 1.32 14.09 -33.02
O6 NAG D . -1.22 15.41 -32.46
O7 NAG D . 4.96 11.49 -34.34
C1 NAG D . -0.68 13.18 -37.20
C2 NAG D . -2.13 13.42 -37.63
C3 NAG D . -2.60 12.48 -38.73
C4 NAG D . -1.60 12.45 -39.84
C5 NAG D . -0.18 12.21 -39.31
C6 NAG D . 0.80 12.28 -40.48
C7 NAG D . -3.87 14.26 -36.16
C8 NAG D . -4.68 14.06 -34.88
N2 NAG D . -3.04 13.29 -36.51
O3 NAG D . -3.84 12.99 -39.21
O4 NAG D . -1.98 11.38 -40.72
O5 NAG D . 0.21 13.18 -38.31
O6 NAG D . 2.09 12.01 -39.97
O7 NAG D . -3.89 15.28 -36.84
C1 BMA D . -2.47 11.87 -41.99
C2 BMA D . -2.13 10.79 -43.01
C3 BMA D . -2.59 11.22 -44.41
C4 BMA D . -4.10 11.54 -44.35
C5 BMA D . -4.36 12.62 -43.29
C6 BMA D . -5.85 13.04 -43.25
O2 BMA D . -2.80 9.62 -42.53
O3 BMA D . -2.26 10.23 -45.39
O4 BMA D . -4.53 12.01 -45.62
O5 BMA D . -3.88 12.15 -42.02
O6 BMA D . -6.44 12.95 -41.94
C1 NAG E . -18.56 -17.03 -17.04
C2 NAG E . -17.67 -17.62 -18.15
C3 NAG E . -18.23 -17.26 -19.52
C4 NAG E . -19.70 -17.65 -19.68
C5 NAG E . -20.48 -17.15 -18.46
C6 NAG E . -21.92 -17.63 -18.56
C7 NAG E . -15.24 -18.02 -17.78
C8 NAG E . -13.88 -17.37 -17.85
N2 NAG E . -16.26 -17.19 -18.05
O3 NAG E . -17.43 -17.96 -20.49
O4 NAG E . -20.24 -17.17 -20.95
O5 NAG E . -19.87 -17.58 -17.19
O6 NAG E . -22.01 -19.03 -18.30
O7 NAG E . -15.39 -19.22 -17.53
C1 FUC E . -23.37 -19.53 -18.45
C2 FUC E . -23.31 -21.05 -18.36
C3 FUC E . -22.79 -21.44 -16.98
C4 FUC E . -23.79 -20.98 -15.92
C5 FUC E . -24.20 -19.51 -16.09
C6 FUC E . -25.47 -19.21 -15.30
O2 FUC E . -22.46 -21.56 -19.39
O3 FUC E . -22.55 -22.86 -16.90
O4 FUC E . -24.94 -21.83 -15.93
O5 FUC E . -24.35 -19.08 -17.48
C1 NAG F . -32.53 -7.01 -7.67
C2 NAG F . -31.90 -7.43 -9.00
C3 NAG F . -32.96 -7.89 -10.01
C4 NAG F . -33.91 -8.93 -9.45
C5 NAG F . -34.44 -8.33 -8.13
C6 NAG F . -35.49 -9.17 -7.43
C7 NAG F . -29.85 -6.20 -9.42
C8 NAG F . -29.25 -5.01 -10.09
N2 NAG F . -31.16 -6.32 -9.55
O3 NAG F . -32.31 -8.38 -11.16
O4 NAG F . -34.95 -9.26 -10.41
O5 NAG F . -33.32 -8.15 -7.23
O6 NAG F . -34.77 -10.36 -7.06
O7 NAG F . -29.20 -7.00 -8.78
O1 56I G . -8.68 -2.99 -19.21
C1 56I G . -11.00 -2.29 -13.95
C2 56I G . -12.10 -1.58 -14.67
C3 56I G . -11.87 -1.60 -16.14
C4 56I G . -10.46 -1.11 -16.48
C5 56I G . -9.64 -0.60 -15.27
O19 56I G . -7.57 -1.18 -17.96
S15 56I G . -8.89 -1.76 -18.41
O18 56I G . -9.58 -0.78 -19.23
N10 56I G . -9.79 -2.23 -17.16
C8 56I G . -12.93 -0.86 -16.93
O9 56I G . -13.04 0.51 -16.56
O11 56I G . -13.36 -2.25 -14.39
O12 56I G . -11.36 -2.55 -12.59
C7 56I G . -9.74 -1.42 -13.98
O13 56I G . -8.66 -2.27 -13.78
S SO4 H . -4.37 17.00 9.80
O1 SO4 H . -4.17 18.19 10.59
O2 SO4 H . -3.30 16.08 10.07
O3 SO4 H . -4.41 17.32 8.39
O4 SO4 H . -5.64 16.41 10.20
S SO4 I . -4.43 -26.28 6.58
O1 SO4 I . -4.31 -24.83 6.75
O2 SO4 I . -3.13 -26.81 6.26
O3 SO4 I . -5.34 -26.61 5.50
O4 SO4 I . -4.92 -26.87 7.80
S SO4 J . 30.54 -20.12 -26.15
O1 SO4 J . 31.60 -19.49 -25.41
O2 SO4 J . 30.92 -20.22 -27.53
O3 SO4 J . 30.29 -21.43 -25.61
O4 SO4 J . 29.34 -19.34 -26.05
S SO4 K . -0.82 -13.50 28.87
O1 SO4 K . -0.75 -12.45 29.83
O2 SO4 K . -0.63 -13.00 27.52
O3 SO4 K . 0.19 -14.50 29.15
O4 SO4 K . -2.12 -14.10 29.01
S SO4 L . -7.94 -22.10 -8.43
O1 SO4 L . -6.82 -21.36 -7.88
O2 SO4 L . -7.76 -22.21 -9.84
O3 SO4 L . -7.98 -23.40 -7.82
O4 SO4 L . -9.24 -21.45 -8.19
CL CL M . 15.65 16.24 -17.48
CL CL N . 11.18 22.96 -16.06
CL CL O . 39.93 -11.95 -17.24
CL CL P . 30.86 -5.78 -25.76
CL CL Q . 8.04 -23.12 12.69
CL CL R . 3.54 -25.44 9.22
CL CL S . 12.87 -16.51 1.95
CL CL T . -22.38 9.36 32.89
CL CL U . -18.70 25.54 -17.88
C1 GOL V . -18.42 18.95 -17.46
O1 GOL V . -19.21 19.42 -16.36
C2 GOL V . -17.23 19.85 -17.68
O2 GOL V . -17.66 21.23 -17.78
C3 GOL V . -16.42 19.48 -18.89
O3 GOL V . -17.22 19.41 -20.06
C1 GOL W . 23.85 -13.92 -17.51
O1 GOL W . 23.16 -12.81 -18.08
C2 GOL W . 25.13 -14.29 -18.26
O2 GOL W . 26.33 -14.05 -17.50
C3 GOL W . 25.10 -15.73 -18.67
O3 GOL W . 24.69 -16.58 -17.60
C1 GOL X . -4.49 31.94 -20.75
O1 GOL X . -5.87 31.92 -20.42
C2 GOL X . -3.73 30.82 -20.07
O2 GOL X . -4.11 30.78 -18.69
C3 GOL X . -3.93 29.45 -20.71
O3 GOL X . -3.59 28.39 -19.82
C1 EDO Y . -6.71 -2.64 -30.26
O1 EDO Y . -7.10 -3.02 -28.95
C2 EDO Y . -6.52 -1.18 -30.42
O2 EDO Y . -7.66 -0.40 -30.79
C1 EDO Z . 2.49 -19.77 4.95
O1 EDO Z . 1.47 -20.20 4.08
C2 EDO Z . 1.93 -19.23 6.20
O2 EDO Z . 1.48 -17.92 6.02
C1 EDO AA . 37.92 -18.48 -16.06
O1 EDO AA . 37.51 -19.55 -16.86
C2 EDO AA . 38.46 -17.38 -16.91
O2 EDO AA . 37.50 -16.89 -17.85
C1 EDO BA . -29.11 8.61 21.44
O1 EDO BA . -30.26 7.78 21.44
C2 EDO BA . -29.37 9.99 20.96
O2 EDO BA . -28.17 10.80 20.91
C1 PGE CA . 4.43 17.03 -8.58
O1 PGE CA . 4.12 17.51 -9.88
C2 PGE CA . 5.26 15.78 -8.62
O2 PGE CA . 5.53 15.33 -7.29
C3 PGE CA . 6.04 14.00 -7.26
C4 PGE CA . 6.24 13.52 -5.84
O4 PGE CA . 8.68 10.31 -3.30
C6 PGE CA . 8.17 10.66 -4.58
C5 PGE CA . 7.28 11.86 -4.51
O3 PGE CA . 7.01 12.34 -5.84
#